data_3W2D
#
_entry.id   3W2D
#
_cell.length_a   40.561
_cell.length_b   109.308
_cell.length_c   86.222
_cell.angle_alpha   90.00
_cell.angle_beta   96.08
_cell.angle_gamma   90.00
#
_symmetry.space_group_name_H-M   'P 1 2 1'
#
loop_
_entity.id
_entity.type
_entity.pdbx_description
1 polymer 'Enterotoxin type B'
2 polymer 'Monoclonal Antibody 3E2 Fab figment light chain'
3 polymer 'Monoclonal Antibody 3E2 Fab figment heavy chain'
4 non-polymer 'SULFATE ION'
5 water water
#
loop_
_entity_poly.entity_id
_entity_poly.type
_entity_poly.pdbx_seq_one_letter_code
_entity_poly.pdbx_strand_id
1 'polypeptide(L)'
;ESQPDPKPDELHKSSKFTGLMENMKVLYDDNHVSAINVKSIDQFLYFDLIYSIKDTKLGNYDNVRVEFKNKDLADKYKDK
YVDVFGANYYYQCYFSKKTNDINSHQTDKRKTCMYGGVTEHNGNQLDKYRSITVRVFEDGKNLLSFDVQTNKKKVTAQEL
DYLTRHYLVKNKKLYEFNNSPYETGYIKFIENENSFWYDMMPAPGDKFDQSKYLMMYNDNKMVDSKDVKIEVYLTTKKK
;
A
2 'polypeptide(L)'
;ENVLTQSPAIMSASPGETVTMTCRATSSVSSTYLHWYQQKSGASPKLWIYSTSNLASGVPARFSGSGSGTSYSLTISSVE
AEDAATYYCQQYINYPLTFGGGTKLELKRADAAPTVSIFPPSSEQLTSGGASVVCFLNNFYPKDINVKWKIDGSERQNGV
LNSWTDQDSKDSTYSMSSTLTLTKDEYERHNSYTCEATHKTSTSPIVKSFNRNEC
;
L
3 'polypeptide(L)'
;DVQLQESGPGLVRPSQSLSLTCTVTGYSLTSDFAWNWIRQFPGNKLEWMGYINYSGYTNYNPSLKSRISITRDTSKNQFF
LQLNSVTTEDTATYYCAREAYYGRAYWFAYWGQGTLVTVSAAKTTPPSVYPLAPGSAAQTNSMVTLGCLVKGYFPEPVTV
TWNSGSLSSGVHTFPAVLQSDLYTLSSSVTVPSSPRPSETVTCNVAHPASSTKVDKKIVPRDC
;
H
#
loop_
_chem_comp.id
_chem_comp.type
_chem_comp.name
_chem_comp.formula
SO4 non-polymer 'SULFATE ION' 'O4 S -2'
#
# COMPACT_ATOMS: atom_id res chain seq x y z
N SER A 2 27.85 -27.32 -3.18
CA SER A 2 28.54 -27.51 -1.92
C SER A 2 29.07 -26.19 -1.34
N GLN A 3 29.16 -26.11 -0.01
CA GLN A 3 29.77 -24.95 0.64
C GLN A 3 31.14 -25.34 1.18
N PRO A 4 32.13 -24.47 0.92
CA PRO A 4 33.52 -24.79 1.25
C PRO A 4 33.82 -24.78 2.75
N ASP A 5 34.50 -25.85 3.18
CA ASP A 5 35.09 -25.98 4.52
C ASP A 5 35.44 -24.69 5.28
N PRO A 6 35.68 -24.82 6.59
CA PRO A 6 35.97 -23.67 7.43
C PRO A 6 37.46 -23.49 7.82
N LYS A 7 38.29 -23.12 6.86
CA LYS A 7 39.65 -22.61 7.17
C LYS A 7 39.84 -21.20 6.58
N PRO A 8 39.09 -20.86 5.51
CA PRO A 8 38.95 -19.47 5.07
C PRO A 8 37.76 -18.84 5.78
N ASP A 9 37.11 -19.66 6.60
CA ASP A 9 35.96 -19.19 7.35
C ASP A 9 36.24 -19.42 8.84
N GLU A 10 37.33 -18.86 9.34
CA GLU A 10 37.77 -19.14 10.70
C GLU A 10 36.60 -19.24 11.69
N LEU A 11 36.75 -20.11 12.67
CA LEU A 11 35.67 -20.39 13.59
C LEU A 11 35.74 -19.47 14.81
N HIS A 12 34.85 -19.73 15.76
CA HIS A 12 34.79 -19.00 17.00
C HIS A 12 35.64 -19.79 17.97
N LYS A 13 36.05 -19.16 19.06
CA LYS A 13 36.88 -19.81 20.04
C LYS A 13 36.21 -19.69 21.41
N SER A 14 35.93 -20.84 22.03
CA SER A 14 35.15 -20.91 23.25
C SER A 14 35.76 -20.20 24.47
N SER A 15 36.90 -19.56 24.24
CA SER A 15 37.61 -18.88 25.29
C SER A 15 37.59 -17.40 24.98
N LYS A 16 37.73 -17.05 23.70
CA LYS A 16 37.54 -15.67 23.27
C LYS A 16 36.06 -15.26 23.36
N PHE A 17 35.25 -16.15 23.95
CA PHE A 17 33.94 -15.78 24.46
C PHE A 17 34.05 -15.70 25.98
N THR A 18 33.97 -14.45 26.45
CA THR A 18 34.01 -14.10 27.86
C THR A 18 32.61 -13.80 28.35
N GLY A 19 31.65 -14.62 27.91
CA GLY A 19 30.32 -14.61 28.49
C GLY A 19 30.17 -15.84 29.36
N LEU A 20 29.00 -16.45 29.30
CA LEU A 20 28.78 -17.71 30.00
C LEU A 20 28.26 -18.77 29.04
N MET A 21 28.46 -20.04 29.38
CA MET A 21 28.18 -21.12 28.43
C MET A 21 26.84 -21.80 28.65
N GLU A 22 26.13 -21.43 29.71
CA GLU A 22 24.83 -22.01 29.97
C GLU A 22 23.86 -21.42 28.97
N ASN A 23 24.07 -20.15 28.65
CA ASN A 23 23.30 -19.46 27.60
C ASN A 23 23.36 -20.18 26.25
N MET A 24 24.15 -21.24 26.20
CA MET A 24 24.26 -22.08 25.02
C MET A 24 23.82 -23.52 25.30
N LYS A 25 24.27 -24.11 26.40
CA LYS A 25 23.97 -25.51 26.67
C LYS A 25 22.49 -25.75 26.87
N VAL A 26 21.76 -24.68 27.15
CA VAL A 26 20.37 -24.78 27.53
C VAL A 26 19.50 -24.81 26.26
N LEU A 27 20.07 -24.34 25.14
CA LEU A 27 19.41 -24.40 23.84
C LEU A 27 19.50 -25.83 23.29
N TYR A 28 20.48 -26.56 23.78
CA TYR A 28 20.75 -27.91 23.31
C TYR A 28 20.66 -28.86 24.47
N ASP A 29 20.04 -28.37 25.52
CA ASP A 29 19.69 -29.22 26.64
C ASP A 29 18.40 -29.93 26.30
N ASP A 30 17.84 -30.66 27.28
CA ASP A 30 16.74 -31.57 27.03
C ASP A 30 15.51 -30.86 26.44
N ASN A 31 15.12 -29.76 27.05
CA ASN A 31 13.95 -29.04 26.60
C ASN A 31 14.05 -28.60 25.16
N HIS A 32 12.92 -28.60 24.46
CA HIS A 32 12.85 -28.01 23.13
C HIS A 32 11.42 -27.91 22.68
N VAL A 33 11.25 -27.53 21.42
CA VAL A 33 9.90 -27.45 20.85
C VAL A 33 9.68 -28.58 19.88
N SER A 34 8.87 -29.53 20.35
CA SER A 34 8.53 -30.71 19.61
C SER A 34 7.03 -30.63 19.47
N ALA A 35 6.51 -30.96 18.29
CA ALA A 35 5.09 -30.95 18.11
C ALA A 35 4.82 -31.67 16.83
N ILE A 36 3.65 -32.30 16.73
CA ILE A 36 3.30 -33.01 15.49
C ILE A 36 1.96 -32.58 14.89
N ASN A 37 1.92 -32.44 13.58
CA ASN A 37 0.67 -32.21 12.88
C ASN A 37 -0.13 -31.02 13.40
N VAL A 38 0.39 -29.80 13.26
CA VAL A 38 -0.39 -28.62 13.65
C VAL A 38 -0.38 -27.50 12.62
N LYS A 39 -1.40 -26.64 12.67
CA LYS A 39 -1.52 -25.50 11.77
C LYS A 39 -1.32 -24.17 12.53
N SER A 40 -0.44 -23.31 12.03
CA SER A 40 -0.30 -21.98 12.58
C SER A 40 -1.68 -21.43 12.87
N ILE A 41 -1.85 -20.82 14.04
CA ILE A 41 -3.14 -20.22 14.40
C ILE A 41 -3.10 -18.69 14.34
N ASP A 42 -1.90 -18.12 14.20
CA ASP A 42 -1.73 -16.67 14.20
C ASP A 42 -0.44 -16.25 13.50
N GLN A 43 -0.35 -14.96 13.24
CA GLN A 43 0.85 -14.36 12.67
C GLN A 43 1.05 -12.93 13.14
N PHE A 44 2.24 -12.68 13.67
CA PHE A 44 2.56 -11.40 14.24
C PHE A 44 3.27 -10.56 13.17
N LEU A 45 4.44 -11.01 12.76
CA LEU A 45 5.17 -10.36 11.68
C LEU A 45 5.16 -11.18 10.40
N TYR A 46 5.14 -10.50 9.27
CA TYR A 46 5.24 -11.18 7.98
C TYR A 46 6.20 -12.40 7.86
N PHE A 47 7.32 -12.46 8.57
CA PHE A 47 8.16 -13.67 8.47
C PHE A 47 7.91 -14.64 9.62
N ASP A 48 6.71 -14.58 10.18
CA ASP A 48 6.40 -15.34 11.38
C ASP A 48 5.06 -16.11 11.33
N LEU A 49 5.00 -17.18 12.11
CA LEU A 49 3.76 -17.91 12.36
C LEU A 49 3.68 -18.22 13.85
N ILE A 50 2.46 -18.32 14.39
CA ILE A 50 2.34 -18.63 15.80
C ILE A 50 1.57 -19.94 15.94
N TYR A 51 2.10 -20.84 16.76
CA TYR A 51 1.41 -22.09 17.06
C TYR A 51 0.98 -22.16 18.54
N SER A 52 -0.28 -22.47 18.80
CA SER A 52 -0.72 -22.81 20.15
C SER A 52 -0.54 -24.31 20.28
N ILE A 53 0.31 -24.76 21.19
CA ILE A 53 0.53 -26.20 21.35
C ILE A 53 0.91 -26.60 22.75
N LYS A 54 0.39 -27.74 23.20
CA LYS A 54 0.93 -28.37 24.40
C LYS A 54 0.79 -29.87 24.35
N LEU A 58 7.51 -27.40 28.58
CA LEU A 58 7.47 -27.89 29.96
C LEU A 58 8.00 -26.83 30.94
N GLY A 59 7.10 -26.10 31.61
CA GLY A 59 7.49 -25.20 32.69
C GLY A 59 7.33 -23.67 32.61
N ASN A 60 7.59 -23.07 31.45
CA ASN A 60 7.63 -21.60 31.34
C ASN A 60 6.90 -20.95 30.13
N TYR A 61 6.31 -21.77 29.23
CA TYR A 61 5.66 -21.30 27.97
C TYR A 61 4.43 -22.11 27.52
N ASP A 62 4.09 -21.95 26.22
CA ASP A 62 3.00 -22.71 25.55
C ASP A 62 2.69 -22.33 24.07
N ASN A 63 2.60 -21.03 23.75
CA ASN A 63 2.49 -20.52 22.37
C ASN A 63 3.83 -20.31 21.73
N VAL A 64 4.03 -20.89 20.56
CA VAL A 64 5.34 -20.83 19.93
C VAL A 64 5.30 -19.87 18.76
N ARG A 65 6.31 -19.01 18.64
CA ARG A 65 6.41 -18.20 17.46
C ARG A 65 7.57 -18.62 16.58
N VAL A 66 7.27 -19.02 15.34
CA VAL A 66 8.27 -19.50 14.40
C VAL A 66 8.65 -18.46 13.34
N GLU A 67 9.94 -18.24 13.19
CA GLU A 67 10.46 -17.19 12.32
C GLU A 67 11.30 -17.71 11.15
N PHE A 68 10.99 -17.21 9.95
CA PHE A 68 11.69 -17.62 8.74
C PHE A 68 12.51 -16.49 8.08
N LYS A 69 13.49 -16.90 7.28
CA LYS A 69 14.36 -15.99 6.52
C LYS A 69 13.56 -15.14 5.57
N ASN A 70 12.37 -15.62 5.15
CA ASN A 70 11.59 -14.99 4.07
C ASN A 70 10.20 -14.57 4.45
N LYS A 71 9.63 -13.72 3.61
CA LYS A 71 8.21 -13.39 3.72
C LYS A 71 7.39 -14.58 3.23
N ASP A 72 7.94 -15.34 2.28
CA ASP A 72 7.35 -16.62 1.84
C ASP A 72 7.32 -17.59 3.02
N LEU A 73 7.98 -18.73 2.89
CA LEU A 73 7.94 -19.69 3.99
C LEU A 73 6.71 -19.49 4.90
N ALA A 74 6.63 -18.37 5.62
CA ALA A 74 5.45 -17.98 6.41
C ALA A 74 4.15 -18.26 5.67
N ASP A 75 4.15 -17.97 4.37
CA ASP A 75 3.07 -18.33 3.48
C ASP A 75 2.90 -19.82 3.37
N LYS A 76 3.66 -20.38 2.46
CA LYS A 76 3.75 -21.83 2.36
C LYS A 76 3.13 -22.47 3.58
N TYR A 77 3.73 -22.26 4.74
CA TYR A 77 3.48 -23.06 5.92
C TYR A 77 2.30 -22.57 6.75
N LYS A 78 2.02 -21.28 6.62
CA LYS A 78 0.82 -20.73 7.21
C LYS A 78 -0.22 -21.71 6.76
N ASP A 79 -1.04 -22.20 7.68
CA ASP A 79 -2.12 -23.12 7.30
C ASP A 79 -1.75 -24.38 6.47
N LYS A 80 -0.87 -25.19 7.08
CA LYS A 80 -0.56 -26.52 6.63
C LYS A 80 -0.40 -27.23 7.94
N TYR A 81 -0.80 -28.49 8.01
CA TYR A 81 -0.50 -29.27 9.20
C TYR A 81 0.91 -29.69 9.04
N VAL A 82 1.71 -29.30 10.01
CA VAL A 82 3.14 -29.47 9.90
C VAL A 82 3.66 -30.06 11.20
N ASP A 83 4.94 -30.40 11.18
CA ASP A 83 5.66 -30.67 12.41
C ASP A 83 6.52 -29.48 12.69
N VAL A 84 6.73 -29.22 13.96
CA VAL A 84 7.56 -28.14 14.41
C VAL A 84 8.60 -28.74 15.33
N PHE A 85 9.88 -28.46 15.06
CA PHE A 85 10.96 -28.98 15.86
C PHE A 85 12.20 -28.11 15.81
N GLY A 86 12.46 -27.36 16.89
CA GLY A 86 13.71 -26.63 16.98
C GLY A 86 14.09 -26.18 18.39
N ALA A 87 15.19 -25.45 18.50
CA ALA A 87 15.55 -24.81 19.75
C ALA A 87 14.53 -23.70 19.98
N ASN A 88 14.70 -22.96 21.07
CA ASN A 88 13.76 -21.90 21.40
C ASN A 88 14.16 -21.12 22.65
N TYR A 89 14.00 -19.80 22.58
CA TYR A 89 14.38 -18.90 23.66
C TYR A 89 13.18 -18.15 24.22
N TYR A 90 13.36 -17.44 25.34
CA TYR A 90 12.28 -16.65 25.93
C TYR A 90 12.74 -15.25 26.26
N TYR A 91 14.07 -15.11 26.42
CA TYR A 91 14.67 -13.90 26.95
C TYR A 91 14.38 -12.65 26.11
N GLN A 92 14.62 -12.76 24.82
CA GLN A 92 14.48 -11.64 23.92
C GLN A 92 13.22 -11.80 23.04
N CYS A 93 12.19 -12.40 23.61
CA CYS A 93 11.06 -12.89 22.83
C CYS A 93 9.78 -12.20 23.20
N TYR A 94 9.38 -11.21 22.40
CA TYR A 94 8.00 -10.72 22.48
C TYR A 94 7.25 -10.94 21.16
N PHE A 95 5.92 -10.95 21.26
CA PHE A 95 5.05 -10.88 20.10
C PHE A 95 3.61 -10.81 20.56
N SER A 96 2.82 -9.98 19.89
CA SER A 96 1.38 -9.92 20.12
C SER A 96 0.54 -11.05 19.44
N LYS A 97 -0.53 -11.47 20.13
CA LYS A 97 -1.56 -12.33 19.55
C LYS A 97 -2.74 -11.50 19.09
N LYS A 98 -3.54 -12.08 18.21
CA LYS A 98 -4.79 -11.49 17.75
C LYS A 98 -5.96 -12.37 18.15
N THR A 99 -5.66 -13.39 18.96
CA THR A 99 -6.60 -14.43 19.29
C THR A 99 -7.28 -14.11 20.61
N ASN A 100 -8.06 -13.01 20.62
CA ASN A 100 -8.78 -12.48 21.80
C ASN A 100 -9.52 -13.57 22.59
N ARG A 110 2.18 -18.38 28.26
CA ARG A 110 3.48 -17.72 28.11
C ARG A 110 3.94 -17.80 26.66
N LYS A 111 4.96 -17.02 26.31
CA LYS A 111 5.46 -16.97 24.93
C LYS A 111 6.91 -17.49 24.74
N THR A 112 7.11 -18.44 23.82
CA THR A 112 8.44 -18.83 23.34
C THR A 112 8.59 -18.55 21.86
N CYS A 113 9.85 -18.36 21.41
CA CYS A 113 10.15 -18.06 19.99
C CYS A 113 11.12 -19.05 19.35
N MET A 114 10.96 -19.30 18.05
CA MET A 114 11.98 -20.03 17.29
C MET A 114 12.23 -19.64 15.82
N TYR A 115 13.06 -20.41 15.12
CA TYR A 115 13.33 -20.18 13.69
C TYR A 115 13.27 -21.45 12.89
N GLY A 116 12.74 -21.38 11.67
CA GLY A 116 12.71 -22.55 10.82
C GLY A 116 12.14 -23.67 11.67
N GLY A 117 12.49 -24.92 11.34
CA GLY A 117 12.05 -26.07 12.11
C GLY A 117 10.74 -26.65 11.66
N VAL A 118 10.16 -26.14 10.58
CA VAL A 118 8.86 -26.63 10.16
C VAL A 118 8.93 -27.50 8.93
N THR A 119 8.48 -28.75 9.08
CA THR A 119 8.24 -29.60 7.93
C THR A 119 6.79 -30.00 7.90
N GLU A 120 6.32 -30.20 6.67
CA GLU A 120 5.00 -30.75 6.43
C GLU A 120 4.84 -32.17 6.98
N HIS A 121 3.73 -32.37 7.68
CA HIS A 121 3.46 -33.61 8.35
C HIS A 121 2.99 -34.67 7.36
N ASN A 122 1.91 -34.40 6.65
CA ASN A 122 1.26 -35.37 5.76
C ASN A 122 2.07 -35.81 4.55
N GLY A 123 2.54 -37.06 4.53
CA GLY A 123 3.26 -37.59 3.38
C GLY A 123 4.76 -37.48 3.55
N ASN A 124 5.20 -37.48 4.81
CA ASN A 124 6.61 -37.37 5.14
C ASN A 124 7.04 -38.37 6.20
N GLN A 125 6.09 -39.16 6.69
CA GLN A 125 6.31 -40.09 7.80
C GLN A 125 6.97 -41.40 7.37
N LEU A 126 7.67 -42.05 8.30
CA LEU A 126 8.29 -43.36 8.11
C LEU A 126 7.62 -44.41 9.03
N ASP A 127 8.20 -45.63 9.14
CA ASP A 127 7.52 -46.77 9.81
C ASP A 127 8.12 -47.48 11.07
N LYS A 128 9.40 -47.91 11.08
CA LYS A 128 10.50 -47.52 10.20
C LYS A 128 10.94 -46.09 10.57
N TYR A 129 12.18 -45.95 11.01
CA TYR A 129 12.65 -44.68 11.58
C TYR A 129 14.15 -44.55 11.42
N ARG A 130 14.57 -44.07 10.25
CA ARG A 130 15.99 -43.94 9.89
C ARG A 130 16.89 -43.47 11.03
N SER A 131 18.06 -44.10 11.12
CA SER A 131 19.08 -43.66 12.06
C SER A 131 20.26 -43.04 11.29
N ILE A 132 20.62 -41.82 11.62
CA ILE A 132 21.75 -41.20 10.95
C ILE A 132 22.95 -41.30 11.89
N THR A 133 24.10 -41.67 11.35
CA THR A 133 25.27 -41.94 12.18
C THR A 133 26.05 -40.66 12.30
N VAL A 134 26.72 -40.47 13.44
CA VAL A 134 27.52 -39.28 13.64
C VAL A 134 28.96 -39.61 13.95
N ARG A 135 29.88 -39.02 13.22
CA ARG A 135 31.29 -39.22 13.50
C ARG A 135 31.84 -37.95 14.12
N VAL A 136 32.40 -38.10 15.31
CA VAL A 136 32.97 -36.99 16.06
C VAL A 136 34.49 -37.00 15.91
N PHE A 137 35.10 -35.83 15.79
CA PHE A 137 36.53 -35.78 15.58
C PHE A 137 37.26 -34.78 16.45
N GLU A 138 37.53 -35.14 17.69
CA GLU A 138 38.36 -34.29 18.52
C GLU A 138 39.78 -34.24 17.98
N ASP A 139 40.32 -33.04 17.84
CA ASP A 139 41.71 -32.90 17.46
C ASP A 139 41.81 -33.23 15.97
N GLY A 140 41.09 -34.27 15.56
CA GLY A 140 41.06 -34.69 14.17
C GLY A 140 40.99 -36.20 14.07
N LYS A 141 40.54 -36.82 15.15
CA LYS A 141 40.63 -38.26 15.34
C LYS A 141 39.27 -38.92 15.63
N ASN A 142 38.94 -39.97 14.88
CA ASN A 142 37.62 -40.62 14.99
C ASN A 142 37.19 -40.95 16.40
N LEU A 143 37.41 -40.00 17.32
CA LEU A 143 37.32 -40.26 18.75
C LEU A 143 35.93 -40.54 19.34
N LEU A 144 34.89 -40.51 18.50
CA LEU A 144 33.57 -41.00 18.93
C LEU A 144 32.62 -41.16 17.75
N SER A 145 31.47 -41.79 18.00
CA SER A 145 30.42 -41.89 17.02
C SER A 145 29.09 -42.13 17.71
N PHE A 146 28.03 -42.23 16.92
CA PHE A 146 26.73 -42.62 17.39
C PHE A 146 25.72 -42.18 16.36
N ASP A 147 24.46 -42.54 16.60
CA ASP A 147 23.41 -42.27 15.64
C ASP A 147 22.32 -41.44 16.25
N VAL A 148 21.61 -40.75 15.38
CA VAL A 148 20.37 -40.11 15.77
C VAL A 148 19.27 -40.62 14.85
N GLN A 149 18.02 -40.36 15.21
CA GLN A 149 16.91 -41.07 14.61
C GLN A 149 15.71 -40.18 14.45
N THR A 150 15.32 -40.01 13.20
CA THR A 150 14.09 -39.29 12.92
C THR A 150 13.06 -40.33 12.54
N ASN A 151 11.84 -39.87 12.31
CA ASN A 151 10.77 -40.74 11.88
C ASN A 151 10.02 -39.96 10.78
N LYS A 152 10.77 -39.58 9.73
CA LYS A 152 10.28 -38.72 8.63
C LYS A 152 11.23 -38.52 7.42
N LYS A 153 10.66 -38.32 6.24
CA LYS A 153 11.40 -38.35 4.96
C LYS A 153 12.42 -37.21 4.76
N LYS A 154 11.93 -35.97 4.72
CA LYS A 154 12.80 -34.79 4.74
C LYS A 154 12.80 -34.23 6.15
N VAL A 155 13.99 -34.12 6.74
CA VAL A 155 14.17 -33.60 8.09
C VAL A 155 14.92 -32.25 8.11
N THR A 156 14.55 -31.35 9.04
CA THR A 156 15.27 -30.09 9.16
C THR A 156 16.61 -30.33 9.82
N ALA A 157 17.64 -29.77 9.17
CA ALA A 157 18.99 -29.70 9.67
C ALA A 157 19.00 -29.17 11.10
N GLN A 158 18.24 -28.12 11.34
CA GLN A 158 18.02 -27.69 12.72
C GLN A 158 17.77 -28.90 13.59
N GLU A 159 16.65 -29.58 13.34
CA GLU A 159 16.32 -30.82 14.04
C GLU A 159 17.45 -31.81 14.21
N LEU A 160 18.17 -32.07 13.11
CA LEU A 160 19.36 -32.91 13.17
C LEU A 160 20.33 -32.33 14.18
N ASP A 161 20.85 -31.14 13.88
CA ASP A 161 21.84 -30.46 14.73
C ASP A 161 21.48 -30.44 16.22
N TYR A 162 20.22 -30.21 16.54
CA TYR A 162 19.84 -30.21 17.93
C TYR A 162 20.20 -31.53 18.53
N LEU A 163 19.91 -32.60 17.81
CA LEU A 163 20.10 -33.95 18.34
C LEU A 163 21.56 -34.25 18.59
N THR A 164 22.35 -34.15 17.53
CA THR A 164 23.78 -34.37 17.64
C THR A 164 24.29 -33.63 18.85
N ARG A 165 23.75 -32.46 19.10
CA ARG A 165 24.25 -31.66 20.22
C ARG A 165 23.76 -32.23 21.55
N HIS A 166 22.45 -32.44 21.65
CA HIS A 166 21.86 -32.91 22.90
C HIS A 166 22.40 -34.28 23.32
N TYR A 167 23.33 -34.81 22.53
CA TYR A 167 24.07 -36.00 22.94
C TYR A 167 25.42 -35.57 23.52
N LEU A 168 26.28 -35.06 22.67
CA LEU A 168 27.59 -34.55 23.10
C LEU A 168 27.54 -33.84 24.46
N VAL A 169 26.87 -32.70 24.55
CA VAL A 169 26.66 -32.10 25.86
C VAL A 169 26.47 -33.19 26.90
N LYS A 170 25.41 -33.98 26.76
CA LYS A 170 24.96 -34.87 27.82
C LYS A 170 25.91 -36.02 28.14
N ASN A 171 27.07 -36.07 27.48
CA ASN A 171 28.07 -37.13 27.75
C ASN A 171 29.53 -36.69 27.64
N LYS A 172 29.82 -35.75 26.74
CA LYS A 172 31.18 -35.23 26.59
C LYS A 172 31.28 -33.73 26.86
N LYS A 173 30.55 -33.28 27.89
CA LYS A 173 30.62 -31.91 28.45
C LYS A 173 30.64 -30.75 27.44
N LEU A 174 30.24 -31.03 26.20
CA LEU A 174 30.38 -30.04 25.14
C LEU A 174 30.13 -28.59 25.61
N TYR A 175 29.14 -28.44 26.48
CA TYR A 175 28.73 -27.13 26.94
C TYR A 175 28.55 -27.18 28.46
N GLU A 176 29.09 -26.17 29.13
CA GLU A 176 29.34 -26.27 30.57
C GLU A 176 28.55 -25.28 31.41
N PHE A 177 28.70 -24.00 31.08
CA PHE A 177 28.20 -22.90 31.89
C PHE A 177 29.20 -21.76 31.83
N ASN A 178 30.45 -22.07 32.17
CA ASN A 178 31.55 -21.13 32.14
C ASN A 178 32.01 -20.86 30.72
N ASN A 179 32.91 -21.71 30.23
CA ASN A 179 33.27 -21.74 28.82
C ASN A 179 33.20 -23.17 28.28
N SER A 180 33.99 -23.46 27.26
CA SER A 180 33.91 -24.78 26.63
C SER A 180 35.20 -25.58 26.79
N PRO A 181 35.08 -26.92 26.89
CA PRO A 181 36.28 -27.75 26.84
C PRO A 181 37.02 -27.50 25.53
N TYR A 182 36.26 -27.29 24.45
CA TYR A 182 36.84 -27.25 23.11
C TYR A 182 36.97 -25.84 22.57
N GLU A 183 38.07 -25.56 21.88
CA GLU A 183 38.34 -24.23 21.38
C GLU A 183 37.29 -23.88 20.36
N THR A 184 37.31 -24.63 19.27
CA THR A 184 36.31 -24.52 18.22
C THR A 184 35.50 -25.80 18.12
N GLY A 185 34.77 -25.89 17.04
CA GLY A 185 33.88 -27.02 16.82
C GLY A 185 32.83 -26.64 15.79
N TYR A 186 32.56 -27.57 14.89
CA TYR A 186 31.48 -27.38 13.96
C TYR A 186 30.81 -28.69 13.63
N ILE A 187 29.68 -28.60 12.95
CA ILE A 187 28.90 -29.76 12.57
C ILE A 187 28.64 -29.71 11.06
N LYS A 188 29.23 -30.65 10.34
CA LYS A 188 29.10 -30.67 8.90
C LYS A 188 27.99 -31.62 8.48
N PHE A 189 27.26 -31.24 7.44
CA PHE A 189 26.20 -32.06 6.86
C PHE A 189 26.51 -32.39 5.41
N ILE A 190 26.72 -33.67 5.12
CA ILE A 190 26.98 -34.07 3.74
C ILE A 190 25.87 -34.88 3.10
N GLU A 191 25.26 -34.33 2.05
CA GLU A 191 24.44 -35.10 1.11
C GLU A 191 25.34 -35.47 -0.06
N ASN A 192 24.82 -36.10 -1.10
CA ASN A 192 25.68 -36.54 -2.22
C ASN A 192 26.61 -35.43 -2.77
N GLU A 193 26.05 -34.54 -3.58
CA GLU A 193 26.80 -33.46 -4.22
C GLU A 193 26.62 -32.13 -3.49
N ASN A 194 26.41 -32.19 -2.18
CA ASN A 194 26.23 -30.97 -1.42
C ASN A 194 26.45 -31.20 0.08
N SER A 195 27.45 -30.51 0.62
CA SER A 195 27.71 -30.50 2.05
C SER A 195 27.67 -29.07 2.62
N PHE A 196 27.48 -28.96 3.93
CA PHE A 196 27.46 -27.65 4.58
C PHE A 196 27.58 -27.74 6.10
N TRP A 197 28.09 -26.71 6.74
CA TRP A 197 28.40 -26.80 8.18
C TRP A 197 27.77 -25.70 9.01
N TYR A 198 27.80 -25.89 10.33
CA TYR A 198 27.37 -24.86 11.25
C TYR A 198 28.43 -24.71 12.29
N ASP A 199 28.55 -23.51 12.87
CA ASP A 199 29.57 -23.23 13.87
C ASP A 199 28.99 -23.44 15.26
N MET A 200 29.54 -24.41 15.99
CA MET A 200 29.02 -24.76 17.30
C MET A 200 29.41 -23.76 18.36
N MET A 201 30.21 -22.77 17.99
CA MET A 201 30.77 -21.83 18.96
C MET A 201 30.16 -20.40 18.99
N PRO A 202 30.03 -19.85 20.19
CA PRO A 202 29.39 -18.58 20.59
C PRO A 202 30.01 -17.36 19.93
N ALA A 203 29.22 -16.30 19.83
CA ALA A 203 29.68 -15.00 19.36
C ALA A 203 30.60 -14.30 20.37
N PRO A 204 31.90 -14.11 19.99
CA PRO A 204 33.02 -13.49 20.71
C PRO A 204 32.61 -12.27 21.51
N GLY A 205 32.77 -12.31 22.82
CA GLY A 205 32.46 -11.15 23.63
C GLY A 205 31.96 -11.47 25.00
N ASP A 206 31.49 -10.45 25.68
CA ASP A 206 31.19 -10.51 27.10
C ASP A 206 29.80 -11.09 27.37
N LYS A 207 28.96 -11.15 26.33
CA LYS A 207 27.70 -11.90 26.43
C LYS A 207 26.96 -12.11 25.11
N PHE A 208 26.20 -13.20 25.11
CA PHE A 208 25.79 -13.96 23.92
C PHE A 208 24.27 -13.95 23.66
N ASP A 209 23.93 -13.71 22.39
CA ASP A 209 22.57 -13.46 21.91
C ASP A 209 21.90 -14.72 21.33
N GLN A 210 21.04 -15.37 22.13
CA GLN A 210 20.37 -16.59 21.70
C GLN A 210 19.61 -16.43 20.39
N SER A 211 18.92 -15.31 20.24
CA SER A 211 18.14 -15.10 19.03
C SER A 211 19.06 -14.93 17.84
N LYS A 212 20.11 -14.14 18.01
CA LYS A 212 21.06 -13.97 16.93
C LYS A 212 21.50 -15.36 16.50
N TYR A 213 22.01 -16.13 17.46
CA TYR A 213 22.57 -17.45 17.17
C TYR A 213 21.64 -18.37 16.36
N LEU A 214 20.51 -18.70 16.99
CA LEU A 214 19.51 -19.59 16.41
C LEU A 214 18.98 -19.08 15.09
N MET A 215 19.14 -17.78 14.85
CA MET A 215 18.68 -17.19 13.60
C MET A 215 19.38 -17.79 12.38
N MET A 216 20.27 -18.75 12.59
CA MET A 216 20.95 -19.40 11.48
C MET A 216 20.00 -20.36 10.78
N TYR A 217 19.19 -21.04 11.58
CA TYR A 217 18.16 -21.92 11.08
C TYR A 217 17.11 -21.21 10.26
N ASN A 218 16.66 -20.05 10.72
CA ASN A 218 15.56 -19.30 10.07
C ASN A 218 15.32 -19.55 8.57
N ASP A 219 16.24 -20.23 7.91
CA ASP A 219 16.05 -20.56 6.51
C ASP A 219 15.29 -21.87 6.30
N ASN A 220 15.26 -22.69 7.35
CA ASN A 220 14.47 -23.93 7.34
C ASN A 220 15.11 -24.99 6.45
N LYS A 221 16.44 -25.11 6.55
CA LYS A 221 17.19 -25.95 5.62
C LYS A 221 16.87 -27.39 5.85
N MET A 222 16.62 -28.11 4.76
CA MET A 222 16.29 -29.53 4.85
C MET A 222 17.32 -30.48 4.21
N VAL A 223 17.40 -31.69 4.74
CA VAL A 223 18.24 -32.72 4.14
C VAL A 223 17.39 -33.81 3.44
N ASP A 224 17.24 -34.95 4.12
CA ASP A 224 16.57 -36.13 3.59
C ASP A 224 17.07 -37.32 4.36
N SER A 225 16.19 -37.83 5.22
CA SER A 225 16.52 -38.85 6.20
C SER A 225 17.71 -39.76 5.91
N LYS A 226 17.84 -40.24 4.67
CA LYS A 226 18.81 -41.27 4.36
C LYS A 226 20.15 -40.77 3.81
N ASP A 227 20.09 -40.07 2.68
CA ASP A 227 21.29 -39.64 1.96
C ASP A 227 22.29 -38.80 2.78
N VAL A 228 22.18 -38.84 4.09
CA VAL A 228 22.90 -37.86 4.89
C VAL A 228 23.72 -38.46 6.02
N LYS A 229 25.00 -38.09 6.05
CA LYS A 229 25.91 -38.46 7.13
C LYS A 229 26.19 -37.22 7.96
N ILE A 230 26.84 -37.41 9.10
CA ILE A 230 27.20 -36.27 9.93
C ILE A 230 28.65 -36.35 10.38
N GLU A 231 29.30 -35.20 10.43
CA GLU A 231 30.66 -35.13 10.89
C GLU A 231 30.82 -33.96 11.83
N VAL A 232 31.15 -34.24 13.08
CA VAL A 232 31.38 -33.17 14.04
C VAL A 232 32.87 -33.04 14.36
N TYR A 233 33.43 -31.89 13.98
CA TYR A 233 34.86 -31.63 14.15
C TYR A 233 35.14 -30.77 15.37
N LEU A 234 36.19 -31.13 16.10
CA LEU A 234 36.50 -30.44 17.33
C LEU A 234 37.96 -30.05 17.39
N THR A 235 38.32 -29.40 18.49
CA THR A 235 39.68 -28.98 18.76
C THR A 235 39.69 -28.76 20.26
N THR A 236 40.87 -28.49 20.82
CA THR A 236 40.98 -28.18 22.24
C THR A 236 41.69 -26.84 22.45
N LYS A 237 41.52 -26.28 23.65
CA LYS A 237 42.14 -25.01 24.04
C LYS A 237 43.59 -25.18 24.55
N LYS A 238 44.55 -24.73 23.75
CA LYS A 238 45.98 -24.86 24.09
C LYS A 238 46.29 -24.57 25.56
N GLU B 1 -3.77 -2.22 12.03
CA GLU B 1 -3.36 -2.86 13.27
C GLU B 1 -2.37 -1.97 13.94
N ASN B 2 -1.28 -1.69 13.24
CA ASN B 2 -0.27 -0.75 13.66
C ASN B 2 -0.50 0.47 12.81
N VAL B 3 -1.54 1.22 13.13
CA VAL B 3 -1.82 2.50 12.48
C VAL B 3 -0.59 3.38 12.42
N LEU B 4 -0.42 4.04 11.27
CA LEU B 4 0.66 4.99 11.01
C LEU B 4 0.04 6.38 10.81
N THR B 5 0.68 7.38 11.42
CA THR B 5 0.04 8.68 11.62
C THR B 5 0.82 9.84 11.03
N GLN B 6 0.19 10.59 10.13
CA GLN B 6 0.92 11.62 9.44
C GLN B 6 0.54 13.04 9.88
N SER B 7 1.57 13.87 10.14
CA SER B 7 1.44 15.32 10.45
C SER B 7 2.28 16.09 9.45
N PRO B 8 1.70 17.10 8.80
CA PRO B 8 0.32 17.56 8.92
C PRO B 8 -0.46 16.99 7.75
N ALA B 9 -1.76 17.24 7.70
CA ALA B 9 -2.50 16.83 6.54
C ALA B 9 -1.91 17.61 5.39
N ILE B 10 -2.18 18.91 5.34
CA ILE B 10 -1.66 19.71 4.24
C ILE B 10 -0.52 20.65 4.65
N MET B 11 0.31 21.01 3.68
CA MET B 11 1.33 22.01 3.95
C MET B 11 1.71 22.82 2.71
N SER B 12 1.44 24.12 2.78
CA SER B 12 1.81 25.04 1.72
C SER B 12 3.34 25.27 1.72
N ALA B 13 3.88 25.59 0.55
CA ALA B 13 5.26 26.03 0.49
C ALA B 13 5.49 26.89 -0.74
N SER B 14 6.34 27.90 -0.59
CA SER B 14 6.82 28.64 -1.75
C SER B 14 8.00 27.87 -2.30
N PRO B 15 8.12 27.86 -3.62
CA PRO B 15 9.16 27.16 -4.37
C PRO B 15 10.55 27.64 -3.99
N GLY B 16 11.36 26.75 -3.42
CA GLY B 16 12.68 27.07 -2.89
C GLY B 16 12.72 26.76 -1.41
N GLU B 17 11.56 26.89 -0.76
CA GLU B 17 11.42 26.56 0.66
C GLU B 17 11.73 25.08 0.89
N THR B 18 12.31 24.74 2.03
CA THR B 18 12.55 23.33 2.32
C THR B 18 11.78 22.90 3.55
N VAL B 19 11.18 21.72 3.45
CA VAL B 19 10.17 21.27 4.42
C VAL B 19 10.20 19.76 4.79
N THR B 20 9.41 19.42 5.80
CA THR B 20 9.48 18.13 6.46
C THR B 20 8.11 17.65 6.91
N MET B 21 7.78 16.41 6.56
CA MET B 21 6.57 15.79 7.09
C MET B 21 6.93 14.62 7.99
N THR B 22 6.00 14.25 8.87
CA THR B 22 6.28 13.24 9.89
C THR B 22 5.40 12.03 9.76
N CYS B 23 5.87 10.94 10.37
CA CYS B 23 5.18 9.64 10.35
C CYS B 23 5.42 8.96 11.70
N ARG B 24 4.43 9.05 12.57
CA ARG B 24 4.47 8.46 13.90
C ARG B 24 3.76 7.13 13.87
N ALA B 25 4.50 6.06 14.13
CA ALA B 25 3.92 4.75 14.21
C ALA B 25 3.53 4.44 15.64
N THR B 26 2.52 3.60 15.85
CA THR B 26 2.43 2.89 17.11
C THR B 26 3.49 1.78 17.00
N SER B 27 3.46 0.86 17.94
CA SER B 27 4.36 -0.27 17.79
C SER B 27 5.75 0.30 17.58
N SER B 28 6.30 0.20 16.37
CA SER B 28 7.66 0.71 16.10
C SER B 28 8.54 -0.16 15.20
N VAL B 29 8.87 0.38 14.03
CA VAL B 29 9.55 -0.38 13.01
C VAL B 29 11.01 -0.12 13.06
N SER B 30 11.80 -1.02 12.48
CA SER B 30 13.15 -0.66 12.18
C SER B 30 13.12 0.14 10.85
N SER B 31 14.14 0.96 10.67
CA SER B 31 14.17 1.93 9.60
C SER B 31 14.08 1.26 8.25
N THR B 32 14.35 -0.05 8.21
CA THR B 32 14.42 -0.71 6.93
C THR B 32 13.06 -0.86 6.30
N TYR B 33 12.06 -1.11 7.12
CA TYR B 33 10.77 -1.58 6.62
C TYR B 33 9.84 -0.42 6.62
N LEU B 34 10.32 0.72 6.16
CA LEU B 34 9.54 1.94 6.31
C LEU B 34 9.64 2.77 5.04
N HIS B 35 8.57 2.74 4.26
CA HIS B 35 8.63 3.29 2.91
C HIS B 35 7.68 4.49 2.77
N TRP B 36 7.98 5.34 1.80
CA TRP B 36 7.14 6.47 1.43
C TRP B 36 6.79 6.30 -0.03
N TYR B 37 5.54 6.61 -0.36
CA TYR B 37 5.08 6.63 -1.75
C TYR B 37 4.54 8.00 -2.16
N GLN B 38 4.75 8.34 -3.42
CA GLN B 38 4.22 9.60 -3.87
C GLN B 38 3.09 9.39 -4.88
N GLN B 39 2.05 10.20 -4.71
CA GLN B 39 0.85 10.16 -5.54
C GLN B 39 0.52 11.59 -5.99
N LYS B 40 0.68 11.85 -7.29
CA LYS B 40 0.11 13.05 -7.90
C LYS B 40 -1.35 12.76 -8.29
N SER B 41 -2.25 13.71 -8.02
CA SER B 41 -3.68 13.45 -8.10
C SER B 41 -4.19 13.01 -9.47
N GLY B 42 -5.02 11.96 -9.42
CA GLY B 42 -5.57 11.28 -10.58
C GLY B 42 -4.71 10.10 -10.98
N ALA B 43 -3.87 9.63 -10.06
CA ALA B 43 -2.88 8.66 -10.45
C ALA B 43 -2.61 7.69 -9.33
N SER B 44 -2.08 6.52 -9.70
CA SER B 44 -1.58 5.51 -8.76
C SER B 44 -0.51 6.09 -7.85
N PRO B 45 -0.32 5.48 -6.67
CA PRO B 45 0.87 5.90 -5.92
C PRO B 45 2.14 5.46 -6.62
N LYS B 46 3.28 5.90 -6.11
CA LYS B 46 4.56 5.39 -6.56
C LYS B 46 5.63 5.50 -5.48
N LEU B 47 6.42 4.44 -5.34
CA LEU B 47 7.50 4.38 -4.37
C LEU B 47 8.32 5.64 -4.45
N TRP B 48 8.70 6.15 -3.28
CA TRP B 48 9.64 7.24 -3.28
C TRP B 48 10.86 6.96 -2.48
N ILE B 49 10.69 6.57 -1.23
CA ILE B 49 11.82 6.18 -0.44
C ILE B 49 11.48 4.77 0.04
N TYR B 50 12.44 3.86 0.05
CA TYR B 50 12.27 2.61 0.78
C TYR B 50 13.33 2.44 1.87
N SER B 51 13.03 1.68 2.93
CA SER B 51 13.96 1.56 4.05
C SER B 51 14.30 2.94 4.53
N THR B 52 13.27 3.79 4.57
CA THR B 52 13.33 5.12 5.15
C THR B 52 14.19 6.19 4.41
N SER B 53 15.45 5.90 4.11
CA SER B 53 16.38 6.93 3.67
C SER B 53 16.60 6.91 2.15
N ASN B 54 16.29 5.76 1.55
CA ASN B 54 16.69 5.36 0.19
C ASN B 54 15.76 5.79 -0.92
N LEU B 55 16.24 6.72 -1.74
CA LEU B 55 15.44 7.18 -2.87
C LEU B 55 15.25 6.10 -3.94
N ALA B 56 14.10 6.15 -4.62
CA ALA B 56 13.79 5.23 -5.70
C ALA B 56 14.35 5.77 -7.02
N SER B 57 13.93 5.17 -8.14
CA SER B 57 14.41 5.55 -9.48
C SER B 57 14.04 6.97 -9.85
N GLY B 58 15.04 7.74 -10.27
CA GLY B 58 14.80 9.11 -10.69
C GLY B 58 13.95 10.00 -9.80
N VAL B 59 14.22 10.01 -8.49
CA VAL B 59 13.72 11.07 -7.61
C VAL B 59 14.89 11.99 -7.20
N PRO B 60 14.77 13.27 -7.50
CA PRO B 60 15.80 14.28 -7.19
C PRO B 60 16.26 14.24 -5.76
N ALA B 61 17.56 14.16 -5.51
CA ALA B 61 18.05 14.16 -4.13
C ALA B 61 17.68 15.38 -3.28
N ARG B 62 16.71 16.17 -3.71
CA ARG B 62 16.16 17.14 -2.79
C ARG B 62 15.46 16.33 -1.72
N PHE B 63 15.10 15.12 -2.07
CA PHE B 63 14.34 14.28 -1.17
C PHE B 63 15.23 13.50 -0.21
N SER B 64 14.81 13.43 1.05
CA SER B 64 15.53 12.60 1.99
C SER B 64 14.60 12.02 3.04
N GLY B 65 15.10 11.00 3.74
CA GLY B 65 14.32 10.37 4.80
C GLY B 65 15.13 10.01 6.03
N SER B 66 14.71 10.57 7.16
CA SER B 66 15.23 10.19 8.46
C SER B 66 14.06 9.66 9.22
N GLY B 67 14.36 8.89 10.26
CA GLY B 67 13.37 8.28 11.10
C GLY B 67 13.97 7.12 11.84
N SER B 68 13.30 6.78 12.94
CA SER B 68 13.59 5.56 13.69
C SER B 68 12.62 5.29 14.81
N GLY B 69 12.57 4.02 15.19
CA GLY B 69 11.63 3.53 16.17
C GLY B 69 10.23 3.74 15.66
N THR B 70 9.57 4.69 16.30
CA THR B 70 8.20 5.02 15.95
C THR B 70 8.09 6.47 15.43
N SER B 71 9.21 7.09 15.11
CA SER B 71 9.18 8.43 14.54
C SER B 71 10.00 8.55 13.26
N TYR B 72 9.34 8.94 12.18
CA TYR B 72 9.99 8.99 10.88
C TYR B 72 9.62 10.24 10.09
N SER B 73 10.56 10.75 9.28
CA SER B 73 10.32 12.00 8.56
C SER B 73 10.67 11.93 7.11
N LEU B 74 10.02 12.76 6.31
CA LEU B 74 10.31 12.85 4.88
C LEU B 74 10.61 14.31 4.58
N THR B 75 11.79 14.56 3.99
CA THR B 75 12.22 15.92 3.71
C THR B 75 12.52 16.19 2.25
N ILE B 76 11.98 17.32 1.79
CA ILE B 76 12.31 17.92 0.49
C ILE B 76 13.05 19.22 0.73
N SER B 77 14.31 19.29 0.29
CA SER B 77 15.07 20.54 0.22
C SER B 77 14.34 21.46 -0.74
N SER B 78 15.04 22.21 -1.57
CA SER B 78 14.37 23.23 -2.39
C SER B 78 13.11 22.71 -3.10
N VAL B 79 11.93 23.24 -2.77
CA VAL B 79 10.69 22.59 -3.21
C VAL B 79 10.04 23.14 -4.48
N GLU B 80 10.30 22.46 -5.60
CA GLU B 80 9.70 22.83 -6.87
C GLU B 80 8.21 22.56 -6.86
N ALA B 81 7.51 23.19 -7.80
CA ALA B 81 6.08 22.95 -7.96
C ALA B 81 5.74 21.53 -8.45
N GLU B 82 6.70 20.87 -9.10
CA GLU B 82 6.48 19.50 -9.56
C GLU B 82 6.47 18.54 -8.36
N ASP B 83 6.56 19.12 -7.16
CA ASP B 83 6.58 18.35 -5.90
C ASP B 83 5.19 18.22 -5.24
N ALA B 84 4.22 19.00 -5.71
CA ALA B 84 2.83 18.92 -5.23
C ALA B 84 2.21 17.54 -5.39
N ALA B 85 1.69 16.99 -4.29
CA ALA B 85 1.36 15.58 -4.26
C ALA B 85 0.88 15.20 -2.87
N THR B 86 0.60 13.93 -2.67
CA THR B 86 0.27 13.48 -1.35
C THR B 86 1.31 12.42 -1.11
N TYR B 87 1.70 12.27 0.16
CA TYR B 87 2.75 11.33 0.51
C TYR B 87 2.29 10.42 1.64
N TYR B 88 2.55 9.13 1.43
CA TYR B 88 2.10 8.08 2.35
C TYR B 88 3.30 7.30 2.84
N CYS B 89 3.49 7.30 4.15
CA CYS B 89 4.44 6.37 4.69
C CYS B 89 3.71 5.03 4.65
N GLN B 90 4.41 3.97 5.02
CA GLN B 90 3.89 2.61 4.88
C GLN B 90 4.86 1.77 5.66
N GLN B 91 4.34 0.99 6.61
CA GLN B 91 5.16 -0.05 7.24
C GLN B 91 4.85 -1.43 6.69
N TYR B 92 5.91 -2.17 6.38
CA TYR B 92 5.81 -3.62 6.37
C TYR B 92 5.98 -4.31 7.73
N ILE B 93 6.53 -5.50 7.73
CA ILE B 93 6.64 -6.26 8.98
C ILE B 93 5.35 -6.64 9.69
N ASN B 94 4.47 -5.68 9.90
CA ASN B 94 3.48 -5.93 10.93
C ASN B 94 2.30 -6.88 10.66
N TYR B 95 1.70 -6.85 9.48
CA TYR B 95 0.56 -7.76 9.28
C TYR B 95 -0.57 -7.42 10.24
N PRO B 96 -1.51 -6.60 9.76
CA PRO B 96 -1.45 -6.16 8.37
C PRO B 96 -0.53 -4.95 8.10
N LEU B 97 0.32 -5.12 7.12
CA LEU B 97 0.89 -4.05 6.35
C LEU B 97 0.03 -2.79 6.35
N THR B 98 0.66 -1.64 6.63
CA THR B 98 -0.06 -0.38 6.92
C THR B 98 0.39 0.84 6.10
N PHE B 99 -0.59 1.68 5.77
CA PHE B 99 -0.34 3.03 5.23
C PHE B 99 -0.76 4.14 6.22
N GLY B 100 -0.02 5.23 6.24
CA GLY B 100 -0.50 6.42 6.92
C GLY B 100 -1.38 7.24 5.98
N GLY B 101 -2.20 8.11 6.55
CA GLY B 101 -3.13 8.90 5.76
C GLY B 101 -2.52 10.21 5.28
N GLY B 102 -2.01 10.18 4.05
CA GLY B 102 -1.39 11.31 3.39
C GLY B 102 -0.92 12.58 4.11
N THR B 103 0.15 13.15 3.59
CA THR B 103 0.36 14.57 3.79
C THR B 103 0.30 15.17 2.39
N LYS B 104 -0.68 16.05 2.16
CA LYS B 104 -0.81 16.77 0.89
C LYS B 104 0.15 17.93 0.89
N LEU B 105 0.81 18.13 -0.25
CA LEU B 105 1.74 19.23 -0.39
C LEU B 105 1.35 20.21 -1.48
N GLU B 106 0.93 21.42 -1.10
CA GLU B 106 0.56 22.41 -2.07
C GLU B 106 1.54 23.57 -2.10
N LEU B 107 1.65 24.20 -3.27
CA LEU B 107 2.54 25.34 -3.46
C LEU B 107 1.92 26.67 -3.02
N LYS B 108 2.76 27.56 -2.51
CA LYS B 108 2.34 28.90 -2.19
C LYS B 108 2.46 29.77 -3.45
N ARG B 109 1.66 30.81 -3.57
CA ARG B 109 1.86 31.76 -4.66
C ARG B 109 1.53 33.17 -4.21
N ALA B 110 1.60 34.10 -5.15
CA ALA B 110 1.12 35.45 -4.92
C ALA B 110 -0.39 35.44 -5.08
N ASP B 111 -1.09 36.05 -4.13
CA ASP B 111 -2.53 36.22 -4.25
C ASP B 111 -2.94 36.46 -5.68
N ALA B 112 -4.13 35.97 -6.02
CA ALA B 112 -4.78 36.35 -7.26
C ALA B 112 -6.26 36.43 -6.92
N ALA B 113 -6.86 37.58 -7.16
CA ALA B 113 -8.31 37.64 -7.09
C ALA B 113 -8.86 36.68 -8.16
N PRO B 114 -10.13 36.26 -8.00
CA PRO B 114 -10.74 35.25 -8.88
C PRO B 114 -10.72 35.55 -10.37
N THR B 115 -11.91 35.58 -10.95
CA THR B 115 -12.14 35.77 -12.38
C THR B 115 -13.46 35.09 -12.66
N VAL B 116 -14.52 35.75 -12.23
CA VAL B 116 -15.83 35.13 -12.15
C VAL B 116 -16.75 35.37 -13.35
N SER B 117 -17.64 34.42 -13.58
CA SER B 117 -18.66 34.52 -14.60
C SER B 117 -19.99 34.01 -14.02
N ILE B 118 -21.09 34.25 -14.73
CA ILE B 118 -22.41 33.74 -14.32
C ILE B 118 -23.25 33.49 -15.58
N PHE B 119 -24.11 32.46 -15.54
CA PHE B 119 -24.73 31.92 -16.76
C PHE B 119 -26.25 31.77 -16.78
N PRO B 120 -26.82 31.63 -17.99
CA PRO B 120 -28.24 31.36 -18.25
C PRO B 120 -28.53 29.87 -18.26
N PRO B 121 -29.78 29.49 -17.95
CA PRO B 121 -30.25 28.09 -17.96
C PRO B 121 -30.22 27.33 -19.30
N SER B 122 -29.86 28.01 -20.40
CA SER B 122 -29.88 27.37 -21.71
C SER B 122 -31.27 26.86 -22.08
N SER B 123 -31.65 27.06 -23.34
CA SER B 123 -32.93 26.63 -23.87
C SER B 123 -33.32 25.21 -23.49
N GLU B 124 -32.37 24.27 -23.59
CA GLU B 124 -32.63 22.86 -23.30
C GLU B 124 -33.27 22.65 -21.94
N GLN B 125 -32.50 22.90 -20.89
CA GLN B 125 -32.96 22.68 -19.53
C GLN B 125 -34.29 23.39 -19.34
N LEU B 126 -34.35 24.62 -19.87
CA LEU B 126 -35.57 25.41 -19.90
C LEU B 126 -36.75 24.63 -20.47
N THR B 127 -36.52 23.94 -21.58
CA THR B 127 -37.55 23.16 -22.24
C THR B 127 -37.80 21.82 -21.53
N SER B 128 -36.85 21.41 -20.69
CA SER B 128 -36.93 20.12 -20.02
C SER B 128 -37.34 20.31 -18.57
N GLY B 129 -37.76 21.51 -18.24
CA GLY B 129 -38.08 21.86 -16.87
C GLY B 129 -36.94 22.64 -16.24
N GLY B 130 -36.55 22.23 -15.05
CA GLY B 130 -35.47 22.86 -14.29
C GLY B 130 -34.65 23.98 -14.90
N ALA B 131 -34.29 24.95 -14.06
CA ALA B 131 -33.41 26.04 -14.43
C ALA B 131 -32.26 26.16 -13.42
N SER B 132 -31.05 26.06 -13.94
CA SER B 132 -29.85 25.98 -13.11
C SER B 132 -28.89 27.11 -13.47
N VAL B 133 -28.54 27.92 -12.47
CA VAL B 133 -27.61 29.01 -12.70
C VAL B 133 -26.22 28.65 -12.19
N VAL B 134 -25.24 28.96 -13.01
CA VAL B 134 -23.88 28.55 -12.74
C VAL B 134 -22.94 29.76 -12.59
N CYS B 135 -21.96 29.59 -11.72
CA CYS B 135 -21.00 30.62 -11.37
C CYS B 135 -19.66 29.94 -11.43
N PHE B 136 -18.68 30.56 -12.10
CA PHE B 136 -17.33 30.01 -12.17
C PHE B 136 -16.34 30.97 -11.52
N LEU B 137 -15.69 30.54 -10.43
CA LEU B 137 -14.67 31.36 -9.77
C LEU B 137 -13.26 30.88 -10.01
N ASN B 138 -12.58 31.44 -11.01
CA ASN B 138 -11.33 30.86 -11.48
C ASN B 138 -10.02 31.48 -11.00
N ASN B 139 -9.08 30.61 -10.67
CA ASN B 139 -7.69 30.99 -10.37
C ASN B 139 -7.53 32.07 -9.30
N PHE B 140 -7.39 31.64 -8.06
CA PHE B 140 -7.39 32.59 -6.97
C PHE B 140 -6.68 32.03 -5.75
N TYR B 141 -5.46 32.49 -5.54
CA TYR B 141 -4.73 32.14 -4.34
C TYR B 141 -5.06 33.15 -3.25
N PRO B 142 -5.23 32.67 -1.99
CA PRO B 142 -5.02 31.30 -1.51
C PRO B 142 -6.27 30.45 -1.57
N LYS B 143 -6.17 29.20 -1.13
CA LYS B 143 -7.39 28.41 -1.03
C LYS B 143 -8.25 29.13 -0.03
N ASP B 144 -9.30 29.74 -0.55
CA ASP B 144 -10.38 30.26 0.28
C ASP B 144 -11.13 31.35 -0.42
N ILE B 145 -12.44 31.20 -0.45
CA ILE B 145 -13.32 32.07 -1.19
C ILE B 145 -14.73 31.81 -0.72
N ASN B 146 -15.61 32.79 -0.88
CA ASN B 146 -16.92 32.70 -0.27
C ASN B 146 -18.02 33.15 -1.19
N VAL B 147 -18.80 32.20 -1.69
CA VAL B 147 -19.83 32.51 -2.66
C VAL B 147 -21.21 32.59 -2.02
N LYS B 148 -21.88 33.70 -2.29
CA LYS B 148 -23.15 34.04 -1.64
C LYS B 148 -24.13 34.35 -2.77
N TRP B 149 -25.37 33.92 -2.62
CA TRP B 149 -26.30 34.01 -3.73
C TRP B 149 -27.43 34.98 -3.50
N LYS B 150 -27.67 35.83 -4.49
CA LYS B 150 -28.69 36.84 -4.42
C LYS B 150 -29.63 36.66 -5.59
N ILE B 151 -30.92 36.90 -5.39
CA ILE B 151 -31.87 36.77 -6.48
C ILE B 151 -32.40 38.13 -6.92
N ASP B 152 -33.54 38.53 -6.36
CA ASP B 152 -34.07 39.85 -6.63
C ASP B 152 -33.45 40.81 -5.64
N GLY B 153 -32.13 40.73 -5.53
CA GLY B 153 -31.38 41.41 -4.49
C GLY B 153 -31.46 40.60 -3.21
N SER B 154 -31.31 41.30 -2.09
CA SER B 154 -31.41 40.71 -0.76
C SER B 154 -32.29 39.46 -0.77
N GLU B 155 -31.63 38.31 -0.87
CA GLU B 155 -32.29 37.03 -0.74
C GLU B 155 -31.24 35.92 -0.61
N ARG B 156 -31.45 35.04 0.37
CA ARG B 156 -30.57 33.90 0.58
C ARG B 156 -30.61 32.97 -0.62
N GLN B 157 -30.33 31.68 -0.38
CA GLN B 157 -30.76 30.59 -1.26
C GLN B 157 -30.30 29.16 -0.88
N ASN B 158 -31.25 28.23 -1.08
CA ASN B 158 -31.05 26.79 -1.01
C ASN B 158 -31.06 26.31 -2.45
N GLY B 159 -30.50 25.13 -2.69
CA GLY B 159 -30.46 24.58 -4.04
C GLY B 159 -29.18 24.89 -4.77
N VAL B 160 -28.07 24.90 -4.03
CA VAL B 160 -26.76 25.25 -4.59
C VAL B 160 -25.67 24.22 -4.29
N LEU B 161 -24.84 23.98 -5.30
CA LEU B 161 -23.80 22.95 -5.29
C LEU B 161 -22.39 23.44 -5.70
N ASN B 162 -21.49 23.53 -4.73
CA ASN B 162 -20.10 23.90 -4.99
C ASN B 162 -19.17 22.71 -5.15
N SER B 163 -18.11 22.89 -5.93
CA SER B 163 -17.05 21.89 -6.07
C SER B 163 -15.74 22.54 -6.51
N TRP B 164 -14.74 22.40 -5.67
CA TRP B 164 -13.47 23.07 -5.85
C TRP B 164 -12.50 22.18 -6.59
N THR B 165 -11.78 22.74 -7.55
CA THR B 165 -10.69 22.03 -8.22
C THR B 165 -9.47 22.04 -7.32
N ASP B 166 -8.60 21.04 -7.47
CA ASP B 166 -7.35 20.97 -6.72
C ASP B 166 -6.38 22.03 -7.24
N GLN B 167 -5.44 22.45 -6.42
CA GLN B 167 -4.48 23.45 -6.85
C GLN B 167 -4.04 23.18 -8.27
N ASP B 168 -4.30 24.11 -9.17
CA ASP B 168 -4.04 23.88 -10.57
C ASP B 168 -2.53 23.85 -10.81
N SER B 169 -2.10 23.38 -11.97
CA SER B 169 -0.72 22.96 -12.16
C SER B 169 0.29 24.08 -12.51
N LYS B 170 0.14 24.70 -13.68
CA LYS B 170 0.92 25.90 -14.02
C LYS B 170 0.54 26.98 -13.03
N ASP B 171 -0.54 27.69 -13.33
CA ASP B 171 -1.24 28.58 -12.41
C ASP B 171 -1.35 27.98 -11.00
N SER B 172 -0.35 28.15 -10.14
CA SER B 172 -0.38 27.44 -8.85
C SER B 172 -1.64 27.77 -8.07
N THR B 173 -2.77 27.72 -8.78
CA THR B 173 -3.96 28.43 -8.38
C THR B 173 -5.16 27.53 -8.10
N TYR B 174 -6.33 28.12 -7.90
CA TYR B 174 -7.50 27.37 -7.56
C TYR B 174 -8.70 27.90 -8.32
N SER B 175 -9.66 27.02 -8.54
CA SER B 175 -10.98 27.43 -9.04
C SER B 175 -12.04 26.62 -8.31
N MET B 176 -13.24 27.19 -8.25
CA MET B 176 -14.35 26.48 -7.66
C MET B 176 -15.52 26.70 -8.59
N SER B 177 -16.58 25.94 -8.40
CA SER B 177 -17.81 26.24 -9.11
C SER B 177 -19.05 25.91 -8.32
N SER B 178 -19.90 26.93 -8.20
CA SER B 178 -21.16 26.84 -7.50
C SER B 178 -22.27 26.81 -8.52
N THR B 179 -23.33 26.06 -8.22
CA THR B 179 -24.43 25.82 -9.14
C THR B 179 -25.75 26.03 -8.40
N LEU B 180 -26.59 26.92 -8.92
CA LEU B 180 -27.92 27.07 -8.35
C LEU B 180 -28.93 26.35 -9.22
N THR B 181 -29.44 25.24 -8.73
CA THR B 181 -30.44 24.51 -9.50
C THR B 181 -31.85 24.84 -9.03
N LEU B 182 -32.79 24.85 -9.97
CA LEU B 182 -34.16 25.22 -9.66
C LEU B 182 -35.06 24.93 -10.85
N THR B 183 -36.32 25.32 -10.73
CA THR B 183 -37.37 24.96 -11.69
C THR B 183 -37.80 26.12 -12.55
N LYS B 184 -38.27 25.83 -13.76
CA LYS B 184 -38.89 26.86 -14.57
C LYS B 184 -40.16 27.34 -13.85
N ASP B 185 -40.67 26.48 -12.96
CA ASP B 185 -41.74 26.80 -12.01
C ASP B 185 -41.28 27.94 -11.09
N GLU B 186 -40.44 28.81 -11.64
CA GLU B 186 -39.82 29.89 -10.88
C GLU B 186 -38.91 30.78 -11.73
N TYR B 187 -37.69 30.33 -12.01
CA TYR B 187 -36.73 31.13 -12.75
C TYR B 187 -37.42 32.21 -13.57
N GLU B 188 -38.42 31.81 -14.34
CA GLU B 188 -39.12 32.71 -15.24
C GLU B 188 -39.60 33.97 -14.52
N ARG B 189 -40.16 33.79 -13.33
CA ARG B 189 -40.79 34.89 -12.61
C ARG B 189 -39.91 35.51 -11.51
N HIS B 190 -38.67 35.88 -11.85
CA HIS B 190 -37.81 36.66 -10.95
C HIS B 190 -36.86 37.68 -11.58
N ASN B 191 -36.32 37.36 -12.75
CA ASN B 191 -35.49 38.34 -13.50
C ASN B 191 -34.07 38.68 -12.98
N SER B 192 -33.93 39.14 -11.73
CA SER B 192 -32.58 39.47 -11.24
C SER B 192 -31.91 38.30 -10.53
N TYR B 193 -30.69 37.99 -10.97
CA TYR B 193 -29.89 36.89 -10.41
C TYR B 193 -28.42 37.25 -10.25
N THR B 194 -27.90 37.09 -9.06
CA THR B 194 -26.45 37.17 -8.94
C THR B 194 -25.84 36.19 -7.97
N CYS B 195 -24.62 35.79 -8.28
CA CYS B 195 -23.74 35.17 -7.32
C CYS B 195 -22.80 36.27 -6.91
N GLU B 196 -22.05 36.06 -5.85
CA GLU B 196 -21.11 37.07 -5.44
C GLU B 196 -20.12 36.45 -4.47
N ALA B 197 -18.85 36.62 -4.77
CA ALA B 197 -17.80 35.98 -4.00
C ALA B 197 -17.02 36.99 -3.17
N THR B 198 -16.19 36.47 -2.27
CA THR B 198 -15.49 37.29 -1.31
C THR B 198 -14.12 36.67 -1.05
N HIS B 199 -13.12 37.13 -1.79
CA HIS B 199 -11.72 36.73 -1.55
C HIS B 199 -11.02 37.77 -0.69
N LYS B 200 -9.95 37.37 -0.01
CA LYS B 200 -9.09 38.35 0.62
C LYS B 200 -8.55 39.35 -0.42
N THR B 201 -8.39 38.91 -1.66
CA THR B 201 -7.78 39.77 -2.69
C THR B 201 -8.53 41.09 -2.92
N SER B 202 -9.74 41.21 -2.40
CA SER B 202 -10.50 42.44 -2.57
C SER B 202 -11.14 42.87 -1.27
N THR B 203 -11.67 44.09 -1.26
CA THR B 203 -12.41 44.63 -0.10
C THR B 203 -13.91 44.56 -0.37
N SER B 204 -14.29 45.06 -1.55
CA SER B 204 -15.63 44.89 -2.10
C SER B 204 -15.78 43.44 -2.57
N PRO B 205 -16.79 42.74 -2.05
CA PRO B 205 -17.16 41.44 -2.60
C PRO B 205 -17.26 41.52 -4.13
N ILE B 206 -16.97 40.42 -4.81
CA ILE B 206 -17.06 40.44 -6.26
C ILE B 206 -18.47 40.06 -6.65
N VAL B 207 -18.97 40.63 -7.74
CA VAL B 207 -20.38 40.45 -8.10
C VAL B 207 -20.57 40.13 -9.59
N LYS B 208 -21.81 39.78 -9.97
CA LYS B 208 -22.12 39.55 -11.39
C LYS B 208 -23.61 39.64 -11.74
N SER B 209 -24.02 40.82 -12.22
CA SER B 209 -25.42 41.10 -12.59
C SER B 209 -25.96 40.08 -13.60
N PHE B 210 -27.28 40.05 -13.75
CA PHE B 210 -27.95 39.15 -14.68
C PHE B 210 -29.46 39.19 -14.48
N ASN B 211 -30.15 39.87 -15.39
CA ASN B 211 -31.60 39.92 -15.32
C ASN B 211 -32.23 39.69 -16.69
N ARG B 212 -32.50 38.43 -17.04
CA ARG B 212 -33.18 38.11 -18.28
C ARG B 212 -32.33 38.41 -19.52
N ASN B 213 -31.14 38.96 -19.32
CA ASN B 213 -30.35 39.52 -20.43
C ASN B 213 -29.66 38.51 -21.36
N GLU B 214 -30.02 37.23 -21.21
CA GLU B 214 -29.59 36.20 -22.15
C GLU B 214 -30.56 35.03 -22.19
N CYS B 215 -30.46 34.25 -23.27
CA CYS B 215 -31.34 33.11 -23.51
C CYS B 215 -31.05 31.95 -22.55
N ASP C 1 8.31 -3.96 -20.33
CA ASP C 1 8.53 -3.88 -18.89
C ASP C 1 7.23 -4.11 -18.12
N VAL C 2 7.34 -4.31 -16.81
CA VAL C 2 6.22 -4.78 -15.98
C VAL C 2 5.03 -3.81 -15.81
N GLN C 3 4.01 -3.91 -16.64
CA GLN C 3 2.81 -3.12 -16.40
C GLN C 3 1.71 -3.94 -15.74
N LEU C 4 0.70 -3.22 -15.25
CA LEU C 4 -0.35 -3.77 -14.40
C LEU C 4 -1.67 -3.18 -14.76
N GLN C 5 -2.58 -4.05 -15.19
CA GLN C 5 -3.86 -3.66 -15.73
C GLN C 5 -5.07 -4.10 -14.92
N GLU C 6 -5.73 -3.15 -14.29
CA GLU C 6 -6.98 -3.40 -13.56
C GLU C 6 -8.17 -3.61 -14.54
N SER C 7 -9.31 -4.03 -13.99
CA SER C 7 -10.54 -4.14 -14.75
C SER C 7 -11.61 -4.75 -13.84
N GLY C 8 -12.86 -4.47 -14.19
CA GLY C 8 -13.98 -4.95 -13.43
C GLY C 8 -15.19 -4.13 -13.80
N PRO C 9 -16.32 -4.42 -13.13
CA PRO C 9 -17.59 -3.76 -13.42
C PRO C 9 -17.55 -2.48 -12.63
N GLY C 10 -17.90 -1.36 -13.26
CA GLY C 10 -17.74 -0.07 -12.61
C GLY C 10 -18.62 0.14 -11.40
N LEU C 11 -19.61 -0.74 -11.24
CA LEU C 11 -20.65 -0.57 -10.24
C LEU C 11 -21.15 -1.93 -9.82
N VAL C 12 -21.28 -2.12 -8.52
CA VAL C 12 -21.79 -3.35 -7.97
C VAL C 12 -23.01 -2.98 -7.14
N ARG C 13 -23.93 -3.92 -6.98
CA ARG C 13 -25.10 -3.66 -6.16
C ARG C 13 -24.81 -4.19 -4.79
N PRO C 14 -25.33 -3.50 -3.78
CA PRO C 14 -25.10 -3.97 -2.42
C PRO C 14 -25.41 -5.46 -2.27
N SER C 15 -24.35 -6.18 -1.95
CA SER C 15 -24.41 -7.57 -1.50
C SER C 15 -23.89 -8.54 -2.53
N GLN C 16 -23.83 -8.11 -3.78
CA GLN C 16 -23.19 -8.91 -4.83
C GLN C 16 -21.76 -9.26 -4.42
N SER C 17 -21.00 -9.80 -5.35
CA SER C 17 -19.56 -9.98 -5.17
C SER C 17 -18.89 -8.96 -6.06
N LEU C 18 -17.56 -8.99 -6.12
CA LEU C 18 -16.84 -8.01 -6.93
C LEU C 18 -15.57 -8.59 -7.49
N SER C 19 -15.70 -9.31 -8.59
CA SER C 19 -14.54 -9.94 -9.16
C SER C 19 -13.80 -8.90 -9.98
N LEU C 20 -12.50 -8.83 -9.74
CA LEU C 20 -11.65 -7.92 -10.45
C LEU C 20 -10.48 -8.66 -11.03
N THR C 21 -9.94 -8.13 -12.12
CA THR C 21 -8.77 -8.72 -12.71
C THR C 21 -7.55 -7.77 -12.72
N CYS C 22 -6.39 -8.34 -12.47
CA CYS C 22 -5.15 -7.69 -12.81
C CYS C 22 -4.50 -8.55 -13.88
N THR C 23 -4.19 -7.92 -15.01
CA THR C 23 -3.51 -8.58 -16.13
C THR C 23 -2.07 -8.12 -16.11
N VAL C 24 -1.14 -9.05 -15.94
CA VAL C 24 0.26 -8.70 -15.89
C VAL C 24 0.92 -8.85 -17.24
N THR C 25 1.92 -8.01 -17.48
CA THR C 25 2.68 -8.00 -18.72
C THR C 25 4.16 -7.80 -18.39
N GLY C 26 5.03 -8.03 -19.36
CA GLY C 26 6.44 -7.79 -19.14
C GLY C 26 7.07 -8.66 -18.08
N TYR C 27 6.26 -9.28 -17.23
CA TYR C 27 6.78 -10.16 -16.18
C TYR C 27 5.84 -11.34 -15.94
N SER C 28 6.41 -12.51 -15.68
CA SER C 28 5.63 -13.70 -15.41
C SER C 28 5.15 -13.70 -13.98
N LEU C 29 3.87 -13.98 -13.78
CA LEU C 29 3.27 -14.07 -12.44
C LEU C 29 3.93 -15.09 -11.54
N THR C 30 4.80 -15.93 -12.08
CA THR C 30 5.28 -17.05 -11.27
C THR C 30 6.78 -17.15 -11.10
N SER C 31 7.49 -16.03 -11.26
CA SER C 31 8.93 -16.11 -11.15
C SER C 31 9.34 -15.56 -9.81
N ASP C 32 8.56 -14.61 -9.31
CA ASP C 32 8.90 -14.00 -8.07
C ASP C 32 7.89 -12.95 -7.65
N PHE C 33 8.02 -12.55 -6.38
CA PHE C 33 7.27 -11.50 -5.74
C PHE C 33 5.82 -11.82 -5.40
N ALA C 34 5.24 -10.97 -4.57
CA ALA C 34 3.84 -11.02 -4.25
C ALA C 34 3.11 -10.12 -5.21
N TRP C 35 1.80 -10.32 -5.27
CA TRP C 35 0.91 -9.55 -6.13
C TRP C 35 -0.29 -9.16 -5.28
N ASN C 36 -0.49 -7.87 -5.08
CA ASN C 36 -1.34 -7.35 -4.01
C ASN C 36 -2.55 -6.65 -4.56
N TRP C 37 -3.65 -6.71 -3.81
CA TRP C 37 -4.76 -5.79 -4.06
C TRP C 37 -4.79 -4.78 -2.93
N ILE C 38 -4.77 -3.50 -3.31
CA ILE C 38 -4.81 -2.42 -2.35
C ILE C 38 -5.92 -1.54 -2.85
N ARG C 39 -6.79 -1.09 -1.96
CA ARG C 39 -7.79 -0.15 -2.40
C ARG C 39 -7.71 1.10 -1.58
N GLN C 40 -8.01 2.25 -2.21
CA GLN C 40 -7.98 3.56 -1.58
C GLN C 40 -9.35 4.16 -1.60
N PHE C 41 -9.78 4.70 -0.46
CA PHE C 41 -11.14 5.24 -0.36
C PHE C 41 -11.28 6.74 -0.65
N PRO C 42 -12.51 7.22 -0.60
CA PRO C 42 -12.70 8.68 -0.57
C PRO C 42 -12.07 9.23 0.72
N GLY C 43 -11.26 10.27 0.56
CA GLY C 43 -10.43 10.76 1.66
C GLY C 43 -9.06 10.11 1.60
N ASN C 44 -8.84 9.33 0.55
CA ASN C 44 -7.53 8.78 0.20
C ASN C 44 -6.91 7.67 1.06
N LYS C 45 -7.42 7.40 2.25
CA LYS C 45 -6.81 6.33 3.07
C LYS C 45 -6.62 5.06 2.23
N LEU C 46 -5.42 4.46 2.34
CA LEU C 46 -5.06 3.23 1.61
C LEU C 46 -5.10 1.97 2.47
N GLU C 47 -5.89 1.00 2.06
CA GLU C 47 -6.01 -0.24 2.80
C GLU C 47 -5.52 -1.36 1.93
N TRP C 48 -4.68 -2.20 2.50
CA TRP C 48 -4.19 -3.38 1.82
C TRP C 48 -5.26 -4.48 1.87
N MET C 49 -5.47 -5.17 0.78
CA MET C 49 -6.43 -6.25 0.86
C MET C 49 -5.72 -7.58 1.14
N GLY C 50 -4.65 -7.84 0.39
CA GLY C 50 -3.88 -9.06 0.54
C GLY C 50 -3.18 -9.47 -0.75
N TYR C 51 -2.28 -10.44 -0.70
CA TYR C 51 -1.61 -10.83 -1.91
C TYR C 51 -1.67 -12.31 -2.17
N ILE C 52 -1.89 -12.64 -3.44
CA ILE C 52 -1.57 -13.95 -3.96
C ILE C 52 -0.07 -13.90 -4.28
N ASN C 53 0.71 -14.83 -3.75
CA ASN C 53 2.14 -14.69 -3.89
C ASN C 53 2.72 -15.31 -5.15
N TYR C 54 4.01 -15.54 -5.09
CA TYR C 54 4.78 -15.92 -6.25
C TYR C 54 4.52 -17.39 -6.60
N SER C 55 4.17 -18.18 -5.58
CA SER C 55 3.82 -19.62 -5.71
C SER C 55 2.35 -19.90 -5.42
N GLY C 56 1.43 -19.05 -5.81
CA GLY C 56 0.02 -19.28 -5.50
C GLY C 56 -0.34 -19.34 -4.02
N TYR C 57 0.32 -18.55 -3.19
CA TYR C 57 0.03 -18.60 -1.77
C TYR C 57 -0.57 -17.32 -1.27
N THR C 58 -1.62 -17.39 -0.46
CA THR C 58 -2.20 -16.15 0.02
C THR C 58 -1.88 -15.74 1.46
N ASN C 59 -2.34 -14.53 1.75
CA ASN C 59 -2.25 -13.88 3.03
C ASN C 59 -3.14 -12.64 2.92
N TYR C 60 -4.08 -12.53 3.85
CA TYR C 60 -5.15 -11.54 3.76
C TYR C 60 -5.18 -10.55 4.95
N ASN C 61 -5.66 -9.33 4.68
CA ASN C 61 -5.88 -8.36 5.74
C ASN C 61 -6.93 -8.96 6.64
N PRO C 62 -6.62 -9.16 7.93
CA PRO C 62 -7.54 -9.96 8.72
C PRO C 62 -8.82 -9.22 8.93
N SER C 63 -8.81 -7.95 8.55
CA SER C 63 -10.02 -7.15 8.66
C SER C 63 -11.08 -7.63 7.67
N LEU C 64 -10.70 -8.60 6.83
CA LEU C 64 -11.57 -9.11 5.76
C LEU C 64 -11.37 -10.60 5.45
N LYS C 65 -10.36 -11.26 6.03
CA LYS C 65 -10.04 -12.66 5.66
C LYS C 65 -11.28 -13.35 5.07
N SER C 66 -12.40 -13.23 5.76
CA SER C 66 -13.57 -14.03 5.46
C SER C 66 -14.26 -13.71 4.10
N ARG C 67 -14.25 -12.45 3.68
CA ARG C 67 -14.93 -12.09 2.46
C ARG C 67 -13.93 -11.96 1.33
N ILE C 68 -12.69 -12.42 1.56
CA ILE C 68 -11.62 -12.11 0.61
C ILE C 68 -11.00 -13.31 -0.14
N SER C 69 -11.01 -13.21 -1.48
CA SER C 69 -10.37 -14.21 -2.34
C SER C 69 -9.40 -13.61 -3.34
N ILE C 70 -8.16 -14.09 -3.32
CA ILE C 70 -7.20 -13.72 -4.34
C ILE C 70 -6.69 -14.99 -5.02
N THR C 71 -6.99 -15.15 -6.31
CA THR C 71 -6.72 -16.37 -7.05
C THR C 71 -5.93 -15.99 -8.29
N ARG C 72 -5.37 -16.95 -9.02
CA ARG C 72 -4.66 -16.65 -10.26
C ARG C 72 -4.82 -17.63 -11.46
N ASP C 73 -4.88 -17.11 -12.68
CA ASP C 73 -4.78 -17.95 -13.89
C ASP C 73 -3.40 -17.78 -14.47
N THR C 74 -2.49 -18.68 -14.15
CA THR C 74 -1.13 -18.51 -14.60
C THR C 74 -1.03 -18.62 -16.12
N SER C 75 -2.09 -19.13 -16.75
CA SER C 75 -2.06 -19.47 -18.17
C SER C 75 -2.57 -18.35 -19.05
N LYS C 76 -3.13 -17.31 -18.43
CA LYS C 76 -3.55 -16.08 -19.09
C LYS C 76 -2.66 -15.05 -18.40
N ASN C 77 -1.87 -15.56 -17.46
CA ASN C 77 -1.01 -14.75 -16.61
C ASN C 77 -1.68 -13.49 -16.09
N GLN C 78 -2.71 -13.66 -15.25
CA GLN C 78 -3.34 -12.51 -14.59
C GLN C 78 -3.81 -12.97 -13.22
N PHE C 79 -4.01 -12.04 -12.29
CA PHE C 79 -4.60 -12.41 -10.99
C PHE C 79 -5.95 -11.69 -10.73
N PHE C 80 -6.71 -12.14 -9.75
CA PHE C 80 -8.08 -11.66 -9.58
C PHE C 80 -8.35 -11.43 -8.13
N LEU C 81 -9.45 -10.76 -7.85
CA LEU C 81 -9.89 -10.51 -6.48
C LEU C 81 -11.39 -10.67 -6.37
N GLN C 82 -11.85 -11.39 -5.35
CA GLN C 82 -13.28 -11.55 -5.14
C GLN C 82 -13.67 -10.97 -3.80
N LEU C 83 -14.71 -10.14 -3.82
CA LEU C 83 -15.18 -9.44 -2.64
C LEU C 83 -16.66 -9.72 -2.32
N ASN C 84 -16.91 -10.30 -1.15
CA ASN C 84 -18.25 -10.69 -0.78
C ASN C 84 -19.06 -9.63 -0.08
N SER C 85 -20.37 -9.74 -0.26
CA SER C 85 -21.32 -9.05 0.59
C SER C 85 -20.93 -7.61 0.66
N VAL C 86 -20.48 -7.10 -0.48
CA VAL C 86 -20.07 -5.73 -0.54
C VAL C 86 -21.17 -4.86 0.05
N THR C 87 -20.72 -3.84 0.79
CA THR C 87 -21.54 -2.78 1.34
C THR C 87 -20.95 -1.52 0.75
N THR C 88 -21.67 -0.42 0.84
CA THR C 88 -21.26 0.83 0.19
C THR C 88 -19.89 1.31 0.65
N GLU C 89 -19.57 1.05 1.92
CA GLU C 89 -18.22 1.24 2.48
C GLU C 89 -17.17 0.43 1.74
N ASP C 90 -17.50 -0.02 0.55
CA ASP C 90 -16.54 -0.74 -0.24
C ASP C 90 -16.26 0.01 -1.54
N THR C 91 -17.04 1.07 -1.80
CA THR C 91 -16.78 2.03 -2.90
C THR C 91 -15.34 2.51 -2.79
N ALA C 92 -14.57 2.42 -3.85
CA ALA C 92 -13.13 2.66 -3.68
C ALA C 92 -12.36 2.53 -4.99
N THR C 93 -11.11 3.04 -5.00
CA THR C 93 -10.24 2.75 -6.12
C THR C 93 -9.37 1.58 -5.77
N TYR C 94 -9.21 0.70 -6.74
CA TYR C 94 -8.51 -0.54 -6.50
C TYR C 94 -7.31 -0.56 -7.36
N TYR C 95 -6.17 -0.79 -6.71
CA TYR C 95 -4.91 -0.94 -7.37
C TYR C 95 -4.46 -2.37 -7.14
N CYS C 96 -3.78 -2.91 -8.14
CA CYS C 96 -3.05 -4.14 -7.95
C CYS C 96 -1.58 -3.81 -8.13
N ALA C 97 -0.73 -4.31 -7.24
CA ALA C 97 0.68 -3.98 -7.31
C ALA C 97 1.55 -5.19 -7.08
N ARG C 98 2.68 -5.24 -7.77
CA ARG C 98 3.70 -6.22 -7.43
C ARG C 98 4.88 -5.56 -6.72
N GLU C 99 5.59 -6.34 -5.92
CA GLU C 99 6.56 -5.87 -4.96
C GLU C 99 7.99 -6.00 -5.46
N ALA C 100 8.90 -5.38 -4.71
CA ALA C 100 10.33 -5.66 -4.83
C ALA C 100 10.93 -5.85 -3.43
N TYR C 101 12.06 -6.54 -3.32
CA TYR C 101 12.66 -6.73 -2.01
C TYR C 101 14.17 -6.73 -1.99
N TYR C 102 14.73 -6.09 -0.96
CA TYR C 102 16.12 -6.23 -0.59
C TYR C 102 16.18 -6.70 0.88
N GLY C 103 16.67 -7.92 1.12
CA GLY C 103 16.75 -8.43 2.46
C GLY C 103 15.42 -8.72 3.11
N ARG C 104 15.13 -8.10 4.26
CA ARG C 104 13.82 -8.28 4.89
C ARG C 104 12.91 -7.14 4.44
N ALA C 105 13.41 -6.39 3.46
CA ALA C 105 12.74 -5.20 3.02
C ALA C 105 11.84 -5.51 1.83
N TYR C 106 10.52 -5.43 2.03
CA TYR C 106 9.57 -5.57 0.91
C TYR C 106 8.79 -4.31 0.77
N TRP C 107 8.62 -3.84 -0.47
CA TRP C 107 7.83 -2.65 -0.77
C TRP C 107 7.06 -2.90 -2.06
N PHE C 108 6.31 -1.92 -2.52
CA PHE C 108 5.53 -2.04 -3.77
C PHE C 108 6.14 -1.21 -4.87
N ALA C 109 6.85 -1.87 -5.78
CA ALA C 109 7.44 -1.23 -6.93
C ALA C 109 6.39 -0.70 -7.91
N TYR C 110 5.74 -1.61 -8.63
CA TYR C 110 4.85 -1.22 -9.74
C TYR C 110 3.35 -1.14 -9.42
N TRP C 111 2.69 -0.06 -9.82
CA TRP C 111 1.24 -0.07 -9.64
C TRP C 111 0.41 0.09 -10.91
N GLY C 112 -0.80 -0.43 -10.83
CA GLY C 112 -1.75 -0.34 -11.91
C GLY C 112 -2.44 0.99 -11.92
N GLN C 113 -3.08 1.29 -13.04
CA GLN C 113 -3.74 2.56 -13.26
C GLN C 113 -4.70 2.85 -12.14
N GLY C 114 -5.36 1.81 -11.65
CA GLY C 114 -6.42 1.94 -10.66
C GLY C 114 -7.69 1.36 -11.23
N THR C 115 -8.83 1.61 -10.57
CA THR C 115 -10.15 1.11 -11.04
C THR C 115 -11.27 1.41 -10.02
N LEU C 116 -12.08 2.41 -10.33
CA LEU C 116 -13.15 2.83 -9.46
C LEU C 116 -14.20 1.73 -9.37
N VAL C 117 -14.79 1.58 -8.19
CA VAL C 117 -15.91 0.68 -8.02
C VAL C 117 -16.94 1.38 -7.14
N THR C 118 -18.07 1.82 -7.73
CA THR C 118 -19.21 2.34 -6.94
C THR C 118 -20.02 1.14 -6.46
N VAL C 119 -20.33 1.09 -5.17
CA VAL C 119 -21.17 0.03 -4.60
C VAL C 119 -22.49 0.69 -4.22
N SER C 120 -23.54 0.41 -4.97
CA SER C 120 -24.75 1.25 -4.92
C SER C 120 -26.01 0.57 -5.44
N ALA C 121 -27.17 1.05 -5.00
CA ALA C 121 -28.42 0.58 -5.55
C ALA C 121 -29.13 1.69 -6.36
N ALA C 122 -28.51 2.10 -7.45
CA ALA C 122 -29.04 3.23 -8.17
C ALA C 122 -29.16 2.98 -9.66
N LYS C 123 -30.28 3.45 -10.21
CA LYS C 123 -30.55 3.40 -11.62
C LYS C 123 -29.38 4.00 -12.39
N THR C 124 -28.62 3.15 -13.08
CA THR C 124 -27.66 3.63 -14.08
C THR C 124 -28.41 4.66 -14.89
N THR C 125 -27.82 5.83 -15.08
CA THR C 125 -28.53 6.92 -15.72
C THR C 125 -27.69 7.73 -16.70
N PRO C 126 -28.18 7.86 -17.94
CA PRO C 126 -27.57 8.71 -18.97
C PRO C 126 -27.66 10.23 -18.68
N PRO C 127 -26.54 10.93 -18.76
CA PRO C 127 -26.44 12.36 -18.41
C PRO C 127 -27.21 13.33 -19.33
N SER C 128 -27.63 14.44 -18.75
CA SER C 128 -28.23 15.54 -19.49
C SER C 128 -27.16 16.62 -19.69
N VAL C 129 -26.88 16.95 -20.95
CA VAL C 129 -25.80 17.84 -21.32
C VAL C 129 -26.26 19.20 -21.78
N TYR C 130 -25.72 20.26 -21.18
CA TYR C 130 -26.11 21.62 -21.55
C TYR C 130 -24.97 22.53 -22.01
N PRO C 131 -25.27 23.45 -22.93
CA PRO C 131 -24.33 24.48 -23.38
C PRO C 131 -24.44 25.75 -22.54
N LEU C 132 -23.34 26.47 -22.36
CA LEU C 132 -23.37 27.68 -21.56
C LEU C 132 -22.59 28.85 -22.16
N ALA C 133 -23.32 29.78 -22.79
CA ALA C 133 -22.72 31.02 -23.24
C ALA C 133 -23.08 32.10 -22.24
N PRO C 134 -22.28 33.18 -22.18
CA PRO C 134 -22.57 34.28 -21.26
C PRO C 134 -23.66 35.17 -21.83
N GLY C 135 -24.22 36.05 -21.01
CA GLY C 135 -25.24 36.99 -21.48
C GLY C 135 -24.75 37.70 -22.73
N SER C 136 -23.65 38.43 -22.57
CA SER C 136 -22.95 39.12 -23.65
C SER C 136 -21.83 39.96 -23.04
N ALA C 137 -20.97 39.29 -22.27
CA ALA C 137 -19.86 39.96 -21.60
C ALA C 137 -18.61 40.00 -22.48
N ALA C 138 -18.79 39.71 -23.77
CA ALA C 138 -17.73 39.96 -24.73
C ALA C 138 -17.64 41.48 -24.86
N GLN C 139 -17.07 42.10 -23.84
CA GLN C 139 -17.11 43.54 -23.66
C GLN C 139 -16.07 43.94 -22.62
N THR C 140 -15.67 42.95 -21.82
CA THR C 140 -14.82 43.20 -20.65
C THR C 140 -13.32 43.11 -20.96
N ASN C 141 -12.81 41.89 -21.17
CA ASN C 141 -11.39 41.72 -21.44
C ASN C 141 -11.08 40.90 -22.70
N SER C 142 -9.84 40.45 -22.80
CA SER C 142 -9.36 39.76 -23.98
C SER C 142 -9.97 38.37 -24.11
N MET C 143 -10.02 37.65 -23.00
CA MET C 143 -10.57 36.29 -22.99
C MET C 143 -11.98 36.27 -22.41
N VAL C 144 -12.84 35.41 -22.93
CA VAL C 144 -14.17 35.25 -22.37
C VAL C 144 -14.40 33.84 -21.85
N THR C 145 -15.27 33.72 -20.84
CA THR C 145 -15.51 32.46 -20.16
C THR C 145 -16.81 31.80 -20.58
N LEU C 146 -16.71 30.61 -21.18
CA LEU C 146 -17.88 29.77 -21.52
C LEU C 146 -17.66 28.35 -20.98
N GLY C 147 -18.75 27.61 -20.76
CA GLY C 147 -18.65 26.32 -20.09
C GLY C 147 -19.60 25.24 -20.58
N CYS C 148 -19.67 24.14 -19.84
CA CYS C 148 -20.52 23.03 -20.23
C CYS C 148 -21.05 22.35 -18.97
N LEU C 149 -22.37 22.26 -18.85
CA LEU C 149 -22.97 21.54 -17.72
C LEU C 149 -23.34 20.11 -18.13
N VAL C 150 -23.21 19.17 -17.18
CA VAL C 150 -23.56 17.78 -17.40
C VAL C 150 -24.33 17.28 -16.21
N LYS C 151 -25.63 17.51 -16.22
CA LYS C 151 -26.45 17.28 -15.03
C LYS C 151 -27.16 15.94 -15.08
N GLY C 152 -27.11 15.20 -13.98
CA GLY C 152 -27.90 13.99 -13.84
C GLY C 152 -27.37 12.77 -14.58
N TYR C 153 -26.34 12.15 -14.04
CA TYR C 153 -25.99 10.81 -14.48
C TYR C 153 -25.73 9.92 -13.30
N PHE C 154 -25.02 8.83 -13.58
CA PHE C 154 -24.65 7.81 -12.62
C PHE C 154 -24.41 6.53 -13.37
N PRO C 155 -23.37 5.79 -12.98
CA PRO C 155 -22.47 6.27 -11.94
C PRO C 155 -21.32 7.02 -12.58
N GLU C 156 -20.30 7.33 -11.79
CA GLU C 156 -19.08 7.89 -12.34
C GLU C 156 -18.28 6.72 -12.89
N PRO C 157 -17.37 6.97 -13.84
CA PRO C 157 -16.98 8.27 -14.37
C PRO C 157 -17.67 8.70 -15.64
N VAL C 158 -17.73 10.01 -15.81
CA VAL C 158 -17.89 10.55 -17.14
C VAL C 158 -16.56 11.23 -17.52
N THR C 159 -16.33 11.43 -18.81
CA THR C 159 -15.13 12.08 -19.28
C THR C 159 -15.48 13.13 -20.33
N VAL C 160 -14.89 14.31 -20.23
CA VAL C 160 -15.20 15.39 -21.19
C VAL C 160 -13.95 16.01 -21.75
N THR C 161 -14.09 16.68 -22.90
CA THR C 161 -13.04 17.55 -23.42
C THR C 161 -13.69 18.68 -24.18
N TRP C 162 -12.86 19.57 -24.72
CA TRP C 162 -13.37 20.66 -25.55
C TRP C 162 -12.75 20.54 -26.95
N ASN C 163 -13.58 20.64 -27.98
CA ASN C 163 -13.13 20.45 -29.36
C ASN C 163 -12.42 19.11 -29.49
N SER C 164 -13.09 18.08 -28.98
CA SER C 164 -12.56 16.73 -29.01
C SER C 164 -11.19 16.68 -28.34
N GLY C 165 -11.04 17.46 -27.28
CA GLY C 165 -9.83 17.47 -26.48
C GLY C 165 -8.67 18.09 -27.20
N SER C 166 -8.98 18.89 -28.21
CA SER C 166 -7.97 19.58 -28.99
C SER C 166 -7.59 20.89 -28.33
N LEU C 167 -8.32 21.26 -27.28
CA LEU C 167 -7.95 22.40 -26.44
C LEU C 167 -7.99 22.01 -24.95
N SER C 168 -6.82 22.05 -24.31
CA SER C 168 -6.71 22.00 -22.86
C SER C 168 -6.31 23.37 -22.39
N SER C 169 -5.41 23.95 -23.17
CA SER C 169 -4.95 25.31 -22.98
C SER C 169 -5.47 25.93 -21.70
N GLY C 170 -6.78 26.15 -21.65
CA GLY C 170 -7.38 26.88 -20.55
C GLY C 170 -8.72 26.32 -20.11
N VAL C 171 -8.75 25.02 -19.92
CA VAL C 171 -9.94 24.33 -19.48
C VAL C 171 -9.89 24.18 -17.97
N HIS C 172 -11.06 23.97 -17.37
CA HIS C 172 -11.14 23.71 -15.95
C HIS C 172 -12.28 22.76 -15.59
N THR C 173 -11.96 21.47 -15.50
CA THR C 173 -12.94 20.46 -15.12
C THR C 173 -13.09 20.38 -13.60
N PHE C 174 -14.30 20.14 -13.14
CA PHE C 174 -14.59 20.17 -11.71
C PHE C 174 -15.05 18.81 -11.24
N PRO C 175 -14.68 18.43 -10.01
CA PRO C 175 -15.35 17.22 -9.53
C PRO C 175 -16.86 17.41 -9.66
N ALA C 176 -17.57 16.33 -9.94
CA ALA C 176 -19.00 16.38 -9.99
C ALA C 176 -19.44 16.30 -8.56
N VAL C 177 -20.72 16.51 -8.31
CA VAL C 177 -21.28 16.35 -6.97
C VAL C 177 -22.57 15.55 -7.03
N LEU C 178 -23.02 15.06 -5.87
CA LEU C 178 -24.04 14.02 -5.80
C LEU C 178 -25.48 14.46 -5.46
N GLN C 179 -26.30 14.65 -6.51
CA GLN C 179 -27.71 15.01 -6.40
C GLN C 179 -28.49 13.76 -6.14
N SER C 180 -28.89 13.52 -4.90
CA SER C 180 -29.59 12.29 -4.52
C SER C 180 -29.57 11.20 -5.61
N ASP C 181 -28.44 10.51 -5.71
CA ASP C 181 -28.20 9.40 -6.65
C ASP C 181 -27.84 9.77 -8.11
N LEU C 182 -27.70 11.06 -8.39
CA LEU C 182 -27.23 11.48 -9.70
C LEU C 182 -26.10 12.50 -9.60
N TYR C 183 -25.20 12.47 -10.56
CA TYR C 183 -24.09 13.42 -10.56
C TYR C 183 -24.30 14.54 -11.53
N THR C 184 -23.87 15.73 -11.14
CA THR C 184 -23.93 16.91 -11.98
C THR C 184 -22.51 17.39 -12.04
N LEU C 185 -22.01 17.75 -13.22
CA LEU C 185 -20.61 18.18 -13.33
C LEU C 185 -20.40 19.38 -14.24
N SER C 186 -19.59 20.34 -13.78
CA SER C 186 -19.23 21.54 -14.54
C SER C 186 -17.81 21.54 -15.13
N SER C 187 -17.63 22.28 -16.22
CA SER C 187 -16.31 22.46 -16.78
C SER C 187 -16.18 23.85 -17.41
N SER C 188 -14.99 24.42 -17.31
CA SER C 188 -14.75 25.77 -17.80
C SER C 188 -13.68 25.77 -18.86
N VAL C 189 -13.77 26.75 -19.74
CA VAL C 189 -12.70 27.06 -20.67
C VAL C 189 -12.73 28.56 -20.88
N THR C 190 -11.57 29.14 -21.13
CA THR C 190 -11.50 30.58 -21.32
C THR C 190 -10.50 30.90 -22.41
N VAL C 191 -11.00 31.50 -23.50
CA VAL C 191 -10.17 31.88 -24.63
C VAL C 191 -10.48 33.33 -25.04
N PRO C 192 -9.47 34.05 -25.57
CA PRO C 192 -9.62 35.45 -26.00
C PRO C 192 -10.92 35.70 -26.75
N SER C 193 -11.50 36.88 -26.55
CA SER C 193 -12.75 37.25 -27.21
C SER C 193 -12.68 36.99 -28.71
N SER C 194 -11.67 37.57 -29.35
CA SER C 194 -11.41 37.37 -30.77
C SER C 194 -11.72 35.94 -31.22
N PRO C 195 -10.95 34.93 -30.75
CA PRO C 195 -11.39 33.55 -30.97
C PRO C 195 -12.75 33.28 -30.31
N ARG C 196 -13.81 33.19 -31.12
CA ARG C 196 -15.20 32.97 -30.67
C ARG C 196 -16.03 34.24 -30.78
N PRO C 197 -17.23 34.13 -31.40
CA PRO C 197 -17.73 32.92 -32.07
C PRO C 197 -17.20 32.78 -33.50
N SER C 198 -15.89 32.93 -33.64
CA SER C 198 -15.20 32.68 -34.91
C SER C 198 -14.61 31.25 -34.86
N GLU C 199 -13.42 31.14 -34.28
CA GLU C 199 -12.82 29.84 -34.01
C GLU C 199 -13.84 28.99 -33.24
N THR C 200 -13.97 27.72 -33.61
CA THR C 200 -15.06 26.89 -33.10
C THR C 200 -14.77 26.19 -31.77
N VAL C 201 -15.80 26.15 -30.92
CA VAL C 201 -15.75 25.51 -29.61
C VAL C 201 -16.90 24.52 -29.44
N THR C 202 -16.58 23.33 -28.94
CA THR C 202 -17.54 22.24 -28.87
C THR C 202 -17.17 21.23 -27.77
N CYS C 203 -18.05 21.08 -26.79
CA CYS C 203 -17.78 20.17 -25.67
C CYS C 203 -18.24 18.76 -26.01
N ASN C 204 -17.46 17.78 -25.57
CA ASN C 204 -17.72 16.39 -25.93
C ASN C 204 -17.71 15.54 -24.68
N VAL C 205 -18.89 15.35 -24.13
CA VAL C 205 -19.13 14.57 -22.93
C VAL C 205 -19.16 13.06 -23.21
N ALA C 206 -18.82 12.27 -22.21
CA ALA C 206 -18.86 10.82 -22.38
C ALA C 206 -19.17 10.09 -21.08
N HIS C 207 -20.30 9.41 -21.06
CA HIS C 207 -20.67 8.53 -19.96
C HIS C 207 -20.73 7.10 -20.49
N PRO C 208 -19.68 6.32 -20.20
CA PRO C 208 -19.57 4.96 -20.71
C PRO C 208 -20.68 4.04 -20.16
N ALA C 209 -21.10 4.25 -18.92
CA ALA C 209 -22.06 3.34 -18.31
C ALA C 209 -23.32 3.27 -19.15
N SER C 210 -23.84 4.43 -19.52
CA SER C 210 -25.01 4.48 -20.39
C SER C 210 -24.62 4.65 -21.84
N SER C 211 -23.41 4.20 -22.17
CA SER C 211 -22.87 4.22 -23.54
C SER C 211 -23.25 5.48 -24.32
N THR C 212 -22.85 6.64 -23.80
CA THR C 212 -23.33 7.91 -24.33
C THR C 212 -22.24 8.80 -24.93
N LYS C 213 -22.11 8.77 -26.25
CA LYS C 213 -21.26 9.72 -26.96
C LYS C 213 -22.14 10.93 -27.10
N VAL C 214 -21.58 12.12 -26.88
CA VAL C 214 -22.38 13.33 -27.02
C VAL C 214 -21.53 14.59 -27.13
N ASP C 215 -21.60 15.26 -28.28
CA ASP C 215 -20.88 16.52 -28.46
C ASP C 215 -21.86 17.69 -28.39
N LYS C 216 -21.37 18.89 -28.10
CA LYS C 216 -22.25 20.04 -27.89
C LYS C 216 -21.60 21.38 -28.22
N LYS C 217 -22.07 22.01 -29.30
CA LYS C 217 -21.54 23.31 -29.70
C LYS C 217 -22.25 24.43 -28.95
N ILE C 218 -21.45 25.28 -28.31
CA ILE C 218 -21.93 26.37 -27.47
C ILE C 218 -22.23 27.63 -28.29
N VAL C 219 -23.08 27.51 -29.31
CA VAL C 219 -23.40 28.65 -30.18
C VAL C 219 -23.90 29.82 -29.33
N PRO C 220 -23.34 31.04 -29.56
CA PRO C 220 -23.58 32.20 -28.67
C PRO C 220 -25.01 32.73 -28.74
N ARG C 221 -25.44 33.39 -27.67
CA ARG C 221 -26.82 33.86 -27.56
C ARG C 221 -26.94 35.36 -27.85
N ASP C 222 -27.48 35.64 -29.03
CA ASP C 222 -27.76 37.00 -29.47
C ASP C 222 -28.96 37.58 -28.74
N CYS C 223 -29.73 36.72 -28.08
CA CYS C 223 -30.94 37.09 -27.34
C CYS C 223 -32.17 37.18 -28.25
S SO4 D . 7.80 -13.17 -2.20
O1 SO4 D . 6.63 -13.12 -1.29
O2 SO4 D . 7.46 -13.93 -3.41
O3 SO4 D . 8.24 -11.83 -2.62
O4 SO4 D . 8.94 -13.79 -1.53
#